data_8GK6
#
_entry.id   8GK6
#
_cell.length_a   55.338
_cell.length_b   120.764
_cell.length_c   95.254
_cell.angle_alpha   90.000
_cell.angle_beta   98.090
_cell.angle_gamma   90.000
#
_symmetry.space_group_name_H-M   'P 1 21 1'
#
loop_
_entity.id
_entity.type
_entity.pdbx_description
1 polymer 'Metal transporter CNNM4'
2 branched alpha-L-fucopyranose-(1-6)-2-acetamido-2-deoxy-beta-D-glucopyranose
3 branched 2-acetamido-2-deoxy-beta-D-glucopyranose-(1-4)-2-acetamido-2-deoxy-beta-D-glucopyranose
4 branched beta-D-mannopyranose-(1-4)-2-acetamido-2-deoxy-beta-D-glucopyranose-(1-4)-2-acetamido-2-deoxy-beta-D-glucopyranose
5 branched alpha-D-mannopyranose-(1-3)-beta-D-mannopyranose-(1-4)-2-acetamido-2-deoxy-beta-D-glucopyranose-(1-4)-[alpha-L-fucopyranose-(1-6)]2-acetamido-2-deoxy-beta-D-glucopyranose
6 non-polymer 2-acetamido-2-deoxy-beta-D-glucopyranose
7 water water
#
_entity_poly.entity_id   1
_entity_poly.type   'polypeptide(L)'
_entity_poly.pdbx_seq_one_letter_code
;DRHHHHHHGSNPTVTGVIPSEFISLSAGVIEVPPNKNITLYIYGESFENVTYLAFATSRSEDSFSCENHRATIAFIVQKP
TVYSLETSVLLRQLTPFESAFYICFKLAHPFSHNNQTVSWIHATPTYPAAIVTLRTAST
;
_entity_poly.pdbx_strand_id   A,B,C,D,E,F,H,G
#
loop_
_chem_comp.id
_chem_comp.type
_chem_comp.name
_chem_comp.formula
BMA D-saccharide, beta linking beta-D-mannopyranose 'C6 H12 O6'
FUC L-saccharide, alpha linking alpha-L-fucopyranose 'C6 H12 O5'
MAN D-saccharide, alpha linking alpha-D-mannopyranose 'C6 H12 O6'
NAG D-saccharide, beta linking 2-acetamido-2-deoxy-beta-D-glucopyranose 'C8 H15 N O6'
#
# COMPACT_ATOMS: atom_id res chain seq x y z
N SER A 10 7.30 23.00 -8.89
CA SER A 10 5.89 23.25 -8.60
C SER A 10 5.37 22.34 -7.49
N ASN A 11 6.13 21.28 -7.19
CA ASN A 11 5.82 20.44 -6.04
C ASN A 11 6.93 20.56 -4.99
N PRO A 12 6.58 20.61 -3.71
CA PRO A 12 7.60 20.83 -2.69
C PRO A 12 8.62 19.70 -2.68
N THR A 13 9.88 20.05 -2.45
CA THR A 13 10.97 19.08 -2.38
C THR A 13 11.76 19.35 -1.12
N VAL A 14 12.12 18.27 -0.43
CA VAL A 14 12.74 18.35 0.89
C VAL A 14 14.16 17.82 0.79
N THR A 15 15.11 18.61 1.26
CA THR A 15 16.51 18.20 1.25
C THR A 15 16.93 17.57 2.58
N GLY A 16 16.43 18.11 3.68
CA GLY A 16 16.80 17.62 4.99
C GLY A 16 15.82 18.10 6.04
N VAL A 17 15.84 17.41 7.18
CA VAL A 17 14.99 17.75 8.32
C VAL A 17 15.88 17.73 9.55
N ILE A 18 15.94 18.87 10.25
CA ILE A 18 16.78 19.00 11.43
C ILE A 18 15.86 19.18 12.63
N PRO A 19 15.65 18.15 13.45
CA PRO A 19 14.83 18.34 14.65
C PRO A 19 15.59 19.03 15.77
N SER A 20 14.83 19.80 16.56
CA SER A 20 15.43 20.47 17.71
C SER A 20 15.92 19.48 18.75
N GLU A 21 15.35 18.27 18.77
CA GLU A 21 15.80 17.19 19.62
C GLU A 21 15.69 15.90 18.84
N PHE A 22 16.74 15.07 18.86
CA PHE A 22 16.55 13.72 18.32
C PHE A 22 17.47 12.78 19.07
N ILE A 23 17.11 11.49 18.98
CA ILE A 23 17.72 10.45 19.80
C ILE A 23 18.76 9.67 19.02
N SER A 24 18.49 9.37 17.76
CA SER A 24 19.38 8.51 16.99
C SER A 24 19.04 8.63 15.52
N LEU A 25 19.88 8.01 14.69
CA LEU A 25 19.69 7.93 13.25
C LEU A 25 20.00 6.53 12.74
N SER A 26 19.12 6.01 11.90
CA SER A 26 19.28 4.68 11.34
C SER A 26 18.46 4.59 10.05
N ALA A 27 19.12 4.24 8.94
CA ALA A 27 18.45 3.93 7.69
C ALA A 27 17.60 5.10 7.18
N GLY A 28 18.10 6.32 7.35
CA GLY A 28 17.40 7.47 6.85
C GLY A 28 16.17 7.88 7.63
N VAL A 29 16.08 7.50 8.90
CA VAL A 29 14.95 7.83 9.74
C VAL A 29 15.47 8.39 11.06
N ILE A 30 14.94 9.54 11.47
CA ILE A 30 15.40 10.23 12.67
C ILE A 30 14.44 9.90 13.81
N GLU A 31 14.96 9.29 14.87
CA GLU A 31 14.14 9.06 16.05
C GLU A 31 14.08 10.34 16.89
N VAL A 32 12.88 10.74 17.28
CA VAL A 32 12.69 11.94 18.08
C VAL A 32 11.85 11.57 19.30
N PRO A 33 11.88 12.40 20.34
CA PRO A 33 11.09 12.11 21.55
C PRO A 33 9.60 12.11 21.26
N PRO A 34 8.87 11.09 21.71
CA PRO A 34 7.42 11.11 21.59
C PRO A 34 6.78 12.01 22.63
N ASN A 35 5.57 12.47 22.30
CA ASN A 35 4.73 13.22 23.24
C ASN A 35 5.45 14.44 23.80
N LYS A 36 6.38 15.01 23.03
CA LYS A 36 7.10 16.22 23.41
C LYS A 36 7.04 17.25 22.29
N ASN A 37 6.86 18.52 22.67
CA ASN A 37 6.96 19.60 21.70
C ASN A 37 8.39 19.68 21.19
N ILE A 38 8.56 19.50 19.88
CA ILE A 38 9.84 19.70 19.22
C ILE A 38 9.62 20.58 18.00
N THR A 39 10.68 21.25 17.58
CA THR A 39 10.64 22.14 16.42
C THR A 39 11.40 21.47 15.29
N LEU A 40 10.81 21.48 14.10
CA LEU A 40 11.41 20.87 12.92
C LEU A 40 11.87 21.99 11.99
N TYR A 41 13.10 21.89 11.51
CA TYR A 41 13.64 22.81 10.52
C TYR A 41 13.74 22.04 9.22
N ILE A 42 12.91 22.39 8.25
CA ILE A 42 12.81 21.68 6.97
C ILE A 42 13.38 22.58 5.89
N TYR A 43 14.39 22.07 5.19
CA TYR A 43 15.06 22.78 4.12
C TYR A 43 14.71 22.12 2.80
N GLY A 44 14.52 22.95 1.77
CA GLY A 44 14.08 22.41 0.49
C GLY A 44 13.70 23.52 -0.46
N GLU A 45 12.89 23.15 -1.46
CA GLU A 45 12.58 24.02 -2.59
C GLU A 45 11.11 23.87 -2.95
N SER A 46 10.54 24.97 -3.47
CA SER A 46 9.15 25.01 -3.90
C SER A 46 8.16 24.94 -2.73
N PHE A 47 8.50 25.59 -1.62
CA PHE A 47 7.66 25.60 -0.44
C PHE A 47 6.60 26.69 -0.46
N GLU A 48 6.43 27.39 -1.59
CA GLU A 48 5.61 28.61 -1.57
C GLU A 48 4.13 28.28 -1.36
N ASN A 49 3.59 27.30 -2.09
CA ASN A 49 2.18 27.00 -1.94
C ASN A 49 1.90 26.11 -0.71
N VAL A 50 2.86 25.95 0.20
CA VAL A 50 2.71 25.05 1.35
C VAL A 50 2.13 25.79 2.54
N THR A 51 1.02 25.29 3.08
CA THR A 51 0.32 25.89 4.20
C THR A 51 0.43 25.10 5.48
N TYR A 52 0.39 23.78 5.40
CA TYR A 52 0.39 22.92 6.56
C TYR A 52 1.31 21.73 6.35
N LEU A 53 1.74 21.16 7.46
CA LEU A 53 2.51 19.94 7.49
C LEU A 53 1.78 18.92 8.35
N ALA A 54 1.75 17.68 7.88
CA ALA A 54 1.22 16.56 8.64
C ALA A 54 2.07 15.35 8.31
N PHE A 55 1.80 14.25 8.99
CA PHE A 55 2.57 13.04 8.81
C PHE A 55 1.64 11.87 8.48
N ALA A 56 2.10 11.01 7.60
CA ALA A 56 1.45 9.73 7.37
C ALA A 56 2.27 8.66 8.09
N THR A 57 1.59 7.58 8.48
CA THR A 57 2.25 6.50 9.20
C THR A 57 2.63 5.35 8.28
N SER A 58 2.31 5.44 7.00
CA SER A 58 2.68 4.42 6.02
C SER A 58 2.83 5.12 4.69
N ARG A 59 3.92 4.84 4.00
CA ARG A 59 4.21 5.47 2.71
C ARG A 59 4.58 4.37 1.74
N SER A 60 3.82 4.28 0.65
CA SER A 60 4.26 3.51 -0.50
C SER A 60 5.12 4.41 -1.35
N GLU A 61 6.14 3.82 -1.98
CA GLU A 61 6.92 4.63 -2.91
C GLU A 61 6.01 5.20 -3.98
N ASP A 62 4.96 4.46 -4.33
CA ASP A 62 3.96 4.90 -5.29
C ASP A 62 2.94 5.78 -4.57
N SER A 63 3.43 6.80 -3.87
CA SER A 63 2.59 7.71 -3.12
C SER A 63 2.77 9.14 -3.61
N PHE A 64 1.66 9.81 -3.91
CA PHE A 64 1.65 11.25 -4.18
C PHE A 64 0.62 11.93 -3.30
N SER A 65 -0.59 11.35 -3.23
CA SER A 65 -1.66 11.90 -2.43
C SER A 65 -1.57 11.31 -1.03
N CYS A 66 -1.42 12.18 -0.03
CA CYS A 66 -1.43 11.81 1.37
C CYS A 66 -2.81 11.94 1.99
N GLU A 67 -3.84 12.14 1.18
CA GLU A 67 -5.16 12.48 1.71
C GLU A 67 -5.71 11.40 2.63
N ASN A 68 -5.56 10.13 2.27
CA ASN A 68 -6.11 9.08 3.13
C ASN A 68 -5.08 8.54 4.12
N HIS A 69 -3.80 8.70 3.84
CA HIS A 69 -2.74 8.17 4.69
C HIS A 69 -2.37 9.08 5.83
N ARG A 70 -2.83 10.33 5.80
CA ARG A 70 -2.54 11.27 6.86
C ARG A 70 -3.01 10.68 8.19
N ALA A 71 -2.10 10.60 9.15
CA ALA A 71 -2.38 9.99 10.44
C ALA A 71 -2.21 10.95 11.60
N THR A 72 -1.90 12.21 11.35
CA THR A 72 -1.70 13.19 12.41
C THR A 72 -2.51 14.44 12.12
N ILE A 73 -2.74 15.23 13.17
CA ILE A 73 -3.32 16.54 12.99
C ILE A 73 -2.35 17.43 12.21
N ALA A 74 -2.89 18.51 11.66
CA ALA A 74 -2.07 19.43 10.88
C ALA A 74 -1.31 20.38 11.79
N PHE A 75 -0.05 20.63 11.44
CA PHE A 75 0.81 21.57 12.14
C PHE A 75 1.08 22.76 11.23
N ILE A 76 0.82 23.96 11.74
CA ILE A 76 1.08 25.16 10.96
C ILE A 76 2.58 25.34 10.78
N VAL A 77 2.97 25.80 9.60
CA VAL A 77 4.37 25.97 9.24
C VAL A 77 4.64 27.45 9.07
N GLN A 78 5.73 27.92 9.67
CA GLN A 78 6.26 29.24 9.39
C GLN A 78 7.24 29.14 8.24
N LYS A 79 7.42 30.24 7.52
CA LYS A 79 8.27 30.29 6.33
C LYS A 79 9.32 31.39 6.47
N PRO A 80 10.27 31.21 7.38
CA PRO A 80 11.30 32.26 7.57
C PRO A 80 12.02 32.60 6.30
N THR A 81 12.07 31.68 5.33
CA THR A 81 12.76 31.91 4.08
C THR A 81 12.07 31.13 2.97
N VAL A 82 12.48 31.44 1.72
CA VAL A 82 11.99 30.70 0.56
C VAL A 82 12.58 29.30 0.47
N TYR A 83 13.63 29.00 1.22
CA TYR A 83 14.25 27.67 1.21
C TYR A 83 14.01 26.91 2.51
N SER A 84 13.25 27.47 3.45
CA SER A 84 13.13 26.89 4.77
C SER A 84 11.69 26.87 5.24
N LEU A 85 11.37 25.89 6.08
CA LEU A 85 10.13 25.83 6.82
C LEU A 85 10.44 25.58 8.29
N GLU A 86 9.74 26.29 9.17
CA GLU A 86 9.83 26.05 10.61
C GLU A 86 8.43 25.71 11.10
N THR A 87 8.34 24.64 11.90
CA THR A 87 7.07 24.18 12.41
C THR A 87 7.28 23.52 13.75
N SER A 88 6.28 23.61 14.61
CA SER A 88 6.28 22.95 15.91
C SER A 88 5.37 21.74 15.85
N VAL A 89 5.89 20.59 16.20
CA VAL A 89 5.16 19.33 16.12
C VAL A 89 5.26 18.60 17.44
N LEU A 90 4.27 17.74 17.68
CA LEU A 90 4.28 16.81 18.80
C LEU A 90 3.89 15.46 18.24
N LEU A 91 4.78 14.48 18.36
CA LEU A 91 4.63 13.19 17.72
C LEU A 91 4.29 12.12 18.77
N ARG A 92 3.28 11.33 18.45
CA ARG A 92 2.78 10.26 19.32
C ARG A 92 3.51 8.97 19.01
N GLN A 93 3.90 8.26 20.06
CA GLN A 93 4.42 6.90 19.90
C GLN A 93 3.70 6.18 18.76
N LEU A 94 4.48 5.66 17.82
CA LEU A 94 3.91 4.87 16.75
C LEU A 94 3.21 3.64 17.33
N THR A 95 2.24 3.12 16.60
CA THR A 95 1.60 1.87 16.98
C THR A 95 2.43 0.70 16.45
N PRO A 96 2.11 -0.51 16.86
CA PRO A 96 2.85 -1.67 16.31
C PRO A 96 2.65 -1.84 14.82
N PHE A 97 1.57 -1.32 14.25
CA PHE A 97 1.30 -1.45 12.83
C PHE A 97 1.91 -0.32 12.00
N GLU A 98 2.37 0.75 12.64
CA GLU A 98 2.93 1.90 11.94
C GLU A 98 4.44 1.82 11.94
N SER A 99 5.04 2.07 10.78
CA SER A 99 6.49 1.96 10.64
C SER A 99 7.22 3.27 10.98
N ALA A 100 6.73 4.39 10.45
CA ALA A 100 7.44 5.66 10.61
C ALA A 100 6.49 6.81 10.32
N PHE A 101 6.98 8.03 10.53
CA PHE A 101 6.27 9.25 10.21
C PHE A 101 6.84 9.81 8.90
N TYR A 102 6.00 9.88 7.87
CA TYR A 102 6.39 10.40 6.57
C TYR A 102 5.79 11.78 6.38
N ILE A 103 6.60 12.73 5.90
CA ILE A 103 6.16 14.11 5.82
C ILE A 103 5.11 14.25 4.73
N CYS A 104 4.04 14.99 5.05
CA CYS A 104 3.03 15.39 4.08
C CYS A 104 2.82 16.89 4.18
N PHE A 105 2.50 17.49 3.04
CA PHE A 105 2.25 18.93 2.93
C PHE A 105 0.85 19.17 2.41
N LYS A 106 0.16 20.14 2.99
CA LYS A 106 -1.11 20.60 2.42
C LYS A 106 -0.82 21.79 1.52
N LEU A 107 -1.35 21.75 0.30
CA LEU A 107 -1.13 22.82 -0.66
C LEU A 107 -2.26 23.83 -0.59
N ALA A 108 -1.92 25.10 -0.79
CA ALA A 108 -2.90 26.18 -0.69
C ALA A 108 -3.90 26.18 -1.83
N HIS A 109 -3.77 25.28 -2.79
CA HIS A 109 -4.71 25.18 -3.89
C HIS A 109 -4.88 23.71 -4.19
N PRO A 110 -6.09 23.16 -4.05
CA PRO A 110 -6.28 21.74 -4.35
C PRO A 110 -5.97 21.46 -5.81
N PHE A 111 -5.81 20.19 -6.11
CA PHE A 111 -5.60 19.74 -7.47
C PHE A 111 -6.37 18.44 -7.67
N SER A 112 -6.41 18.01 -8.92
CA SER A 112 -7.24 16.87 -9.34
C SER A 112 -6.37 15.64 -9.55
N HIS A 113 -6.78 14.53 -8.94
CA HIS A 113 -6.03 13.28 -9.03
C HIS A 113 -6.84 12.34 -9.90
N ASN A 114 -7.69 11.50 -9.34
CA ASN A 114 -8.61 10.64 -10.10
C ASN A 114 -10.03 11.19 -10.06
N ASN A 115 -10.16 12.47 -10.39
CA ASN A 115 -11.40 13.25 -10.27
C ASN A 115 -11.88 13.41 -8.83
N GLN A 116 -10.97 13.29 -7.87
CA GLN A 116 -11.18 13.69 -6.49
C GLN A 116 -10.12 14.72 -6.16
N THR A 117 -10.53 15.83 -5.56
CA THR A 117 -9.62 16.89 -5.21
C THR A 117 -8.72 16.48 -4.03
N VAL A 118 -7.42 16.77 -4.16
CA VAL A 118 -6.43 16.37 -3.16
C VAL A 118 -5.61 17.60 -2.82
N SER A 119 -5.49 17.89 -1.52
CA SER A 119 -4.66 18.97 -1.04
C SER A 119 -3.47 18.48 -0.25
N TRP A 120 -3.40 17.20 0.07
CA TRP A 120 -2.32 16.64 0.87
C TRP A 120 -1.43 15.79 -0.03
N ILE A 121 -0.13 16.05 0.02
CA ILE A 121 0.83 15.37 -0.85
C ILE A 121 2.01 14.89 -0.02
N HIS A 122 2.59 13.77 -0.45
CA HIS A 122 3.82 13.31 0.15
C HIS A 122 4.96 14.22 -0.28
N ALA A 123 5.82 14.58 0.68
CA ALA A 123 7.00 15.35 0.37
C ALA A 123 7.95 14.52 -0.46
N THR A 124 8.46 15.09 -1.52
CA THR A 124 9.40 14.35 -2.36
C THR A 124 10.83 14.78 -2.01
N PRO A 125 11.72 13.88 -1.80
CA PRO A 125 13.11 14.19 -1.47
C PRO A 125 13.87 14.81 -2.64
N THR A 126 14.71 15.80 -2.33
CA THR A 126 15.54 16.41 -3.38
C THR A 126 16.51 15.38 -3.94
N TYR A 127 17.14 14.60 -3.07
CA TYR A 127 17.96 13.49 -3.51
C TYR A 127 17.47 12.20 -2.85
N PRO A 128 17.61 11.05 -3.51
CA PRO A 128 16.94 9.84 -3.02
C PRO A 128 17.32 9.47 -1.60
N ALA A 129 18.54 9.76 -1.18
CA ALA A 129 19.03 9.39 0.13
C ALA A 129 18.69 10.41 1.21
N ALA A 130 17.87 11.40 0.90
CA ALA A 130 17.63 12.47 1.87
C ALA A 130 16.97 11.92 3.14
N ILE A 131 17.34 12.52 4.26
CA ILE A 131 16.79 12.17 5.56
C ILE A 131 15.53 12.99 5.77
N VAL A 132 14.38 12.35 5.53
CA VAL A 132 13.11 13.07 5.50
C VAL A 132 12.04 12.23 6.20
N THR A 133 12.47 11.33 7.07
CA THR A 133 11.57 10.43 7.79
C THR A 133 11.90 10.48 9.27
N LEU A 134 10.84 10.44 10.09
CA LEU A 134 10.95 10.47 11.54
C LEU A 134 10.31 9.22 12.12
N ARG A 135 10.69 8.89 13.36
CA ARG A 135 9.99 7.85 14.08
C ARG A 135 10.08 8.14 15.57
N THR A 136 9.17 7.53 16.33
CA THR A 136 9.18 7.56 17.78
C THR A 136 9.15 6.14 18.30
N ALA A 137 9.39 5.99 19.60
CA ALA A 137 9.29 4.67 20.22
C ALA A 137 7.90 4.09 19.97
N SER A 138 7.85 2.79 19.69
CA SER A 138 6.58 2.12 19.39
C SER A 138 5.88 1.65 20.65
N SER B 10 28.49 -4.39 -17.77
CA SER B 10 27.91 -3.86 -16.55
C SER B 10 26.48 -4.37 -16.36
N ASN B 11 26.20 -5.57 -16.86
CA ASN B 11 24.90 -6.21 -16.65
C ASN B 11 25.03 -7.31 -15.59
N PRO B 12 24.05 -7.44 -14.69
CA PRO B 12 24.20 -8.37 -13.57
C PRO B 12 24.34 -9.81 -14.01
N THR B 13 25.22 -10.52 -13.33
CA THR B 13 25.47 -11.94 -13.60
C THR B 13 25.44 -12.70 -12.28
N VAL B 14 24.82 -13.87 -12.29
CA VAL B 14 24.59 -14.65 -11.08
C VAL B 14 25.41 -15.93 -11.15
N THR B 15 26.16 -16.21 -10.08
CA THR B 15 26.97 -17.42 -10.01
C THR B 15 26.22 -18.55 -9.32
N GLY B 16 25.44 -18.24 -8.30
CA GLY B 16 24.70 -19.24 -7.58
C GLY B 16 23.57 -18.61 -6.79
N VAL B 17 22.60 -19.44 -6.43
CA VAL B 17 21.45 -19.02 -5.65
C VAL B 17 21.22 -20.05 -4.57
N ILE B 18 21.27 -19.61 -3.32
CA ILE B 18 21.05 -20.50 -2.18
C ILE B 18 19.78 -20.06 -1.47
N PRO B 19 18.66 -20.78 -1.64
CA PRO B 19 17.48 -20.48 -0.83
C PRO B 19 17.66 -21.03 0.58
N SER B 20 17.08 -20.31 1.54
CA SER B 20 17.17 -20.76 2.92
C SER B 20 16.43 -22.07 3.15
N GLU B 21 15.48 -22.39 2.29
CA GLU B 21 14.80 -23.68 2.30
C GLU B 21 14.59 -24.13 0.87
N PHE B 22 14.90 -25.39 0.60
CA PHE B 22 14.60 -25.99 -0.70
C PHE B 22 14.35 -27.46 -0.50
N ILE B 23 13.69 -28.06 -1.49
CA ILE B 23 13.22 -29.43 -1.41
C ILE B 23 14.17 -30.40 -2.12
N SER B 24 14.67 -30.00 -3.29
CA SER B 24 15.52 -30.87 -4.09
C SER B 24 16.20 -30.02 -5.16
N LEU B 25 17.13 -30.64 -5.86
CA LEU B 25 17.77 -29.99 -6.98
C LEU B 25 17.88 -31.04 -8.08
N SER B 26 17.55 -30.62 -9.30
CA SER B 26 17.54 -31.54 -10.44
C SER B 26 17.73 -30.71 -11.69
N ALA B 27 18.75 -31.04 -12.48
CA ALA B 27 18.97 -30.43 -13.78
C ALA B 27 19.15 -28.92 -13.67
N GLY B 28 19.80 -28.50 -12.59
CA GLY B 28 20.08 -27.09 -12.41
C GLY B 28 18.91 -26.26 -11.96
N VAL B 29 17.91 -26.86 -11.32
CA VAL B 29 16.72 -26.15 -10.87
C VAL B 29 16.48 -26.53 -9.41
N ILE B 30 16.30 -25.53 -8.56
CA ILE B 30 16.09 -25.75 -7.13
C ILE B 30 14.59 -25.69 -6.86
N GLU B 31 14.02 -26.80 -6.40
CA GLU B 31 12.63 -26.78 -5.98
C GLU B 31 12.54 -26.21 -4.56
N VAL B 32 11.62 -25.28 -4.38
CA VAL B 32 11.44 -24.62 -3.08
C VAL B 32 9.98 -24.73 -2.68
N PRO B 33 9.68 -24.58 -1.39
CA PRO B 33 8.29 -24.65 -0.94
C PRO B 33 7.47 -23.52 -1.53
N PRO B 34 6.30 -23.82 -2.09
CA PRO B 34 5.45 -22.74 -2.61
C PRO B 34 4.75 -21.97 -1.50
N ASN B 35 4.44 -20.71 -1.82
CA ASN B 35 3.62 -19.87 -0.95
C ASN B 35 4.18 -19.78 0.47
N LYS B 36 5.49 -19.87 0.60
CA LYS B 36 6.18 -19.70 1.88
C LYS B 36 7.25 -18.63 1.71
N ASN B 37 7.36 -17.76 2.72
CA ASN B 37 8.45 -16.79 2.74
C ASN B 37 9.78 -17.51 2.87
N ILE B 38 10.63 -17.36 1.85
CA ILE B 38 11.99 -17.88 1.90
C ILE B 38 12.93 -16.76 1.47
N THR B 39 14.16 -16.85 1.92
CA THR B 39 15.18 -15.85 1.60
C THR B 39 16.15 -16.45 0.59
N LEU B 40 16.45 -15.68 -0.44
CA LEU B 40 17.36 -16.10 -1.50
C LEU B 40 18.66 -15.37 -1.30
N TYR B 41 19.77 -16.10 -1.33
CA TYR B 41 21.10 -15.50 -1.27
C TYR B 41 21.69 -15.67 -2.66
N ILE B 42 21.82 -14.57 -3.37
CA ILE B 42 22.26 -14.54 -4.75
C ILE B 42 23.66 -13.94 -4.78
N TYR B 43 24.62 -14.71 -5.27
CA TYR B 43 26.01 -14.28 -5.36
C TYR B 43 26.33 -14.04 -6.83
N GLY B 44 27.10 -13.00 -7.10
CA GLY B 44 27.36 -12.63 -8.48
C GLY B 44 28.07 -11.30 -8.57
N GLU B 45 27.93 -10.68 -9.74
CA GLU B 45 28.73 -9.53 -10.11
C GLU B 45 27.85 -8.51 -10.82
N SER B 46 28.19 -7.23 -10.67
CA SER B 46 27.47 -6.13 -11.32
C SER B 46 26.08 -5.94 -10.75
N PHE B 47 25.95 -6.08 -9.43
CA PHE B 47 24.68 -5.91 -8.74
C PHE B 47 24.41 -4.46 -8.35
N GLU B 48 25.20 -3.51 -8.84
CA GLU B 48 25.17 -2.17 -8.28
C GLU B 48 23.86 -1.45 -8.56
N ASN B 49 23.44 -1.43 -9.83
CA ASN B 49 22.22 -0.73 -10.24
C ASN B 49 20.95 -1.59 -10.15
N VAL B 50 20.98 -2.70 -9.42
CA VAL B 50 19.84 -3.59 -9.32
C VAL B 50 18.99 -3.15 -8.12
N THR B 51 17.70 -2.91 -8.36
CA THR B 51 16.80 -2.43 -7.32
C THR B 51 15.79 -3.46 -6.85
N TYR B 52 15.26 -4.29 -7.76
CA TYR B 52 14.21 -5.23 -7.40
C TYR B 52 14.47 -6.59 -8.04
N LEU B 53 13.80 -7.60 -7.49
CA LEU B 53 13.88 -8.96 -8.01
C LEU B 53 12.50 -9.43 -8.43
N ALA B 54 12.43 -10.08 -9.58
CA ALA B 54 11.20 -10.73 -10.01
C ALA B 54 11.57 -11.98 -10.82
N PHE B 55 10.56 -12.75 -11.18
CA PHE B 55 10.76 -14.00 -11.91
C PHE B 55 9.93 -14.01 -13.17
N ALA B 56 10.50 -14.57 -14.23
CA ALA B 56 9.77 -14.91 -15.44
C ALA B 56 9.51 -16.40 -15.47
N THR B 57 8.43 -16.80 -16.13
CA THR B 57 8.07 -18.20 -16.28
C THR B 57 8.52 -18.77 -17.62
N SER B 58 9.17 -17.97 -18.45
CA SER B 58 9.68 -18.42 -19.74
C SER B 58 10.93 -17.62 -20.06
N ARG B 59 11.99 -18.31 -20.45
CA ARG B 59 13.26 -17.69 -20.79
C ARG B 59 13.72 -18.25 -22.12
N SER B 60 13.89 -17.38 -23.10
CA SER B 60 14.61 -17.74 -24.32
C SER B 60 16.09 -17.44 -24.12
N GLU B 61 16.94 -18.27 -24.72
CA GLU B 61 18.36 -17.96 -24.69
C GLU B 61 18.61 -16.61 -25.36
N ASP B 62 17.81 -16.27 -26.37
CA ASP B 62 17.83 -14.95 -26.98
C ASP B 62 16.92 -13.98 -26.21
N SER B 63 17.11 -13.90 -24.90
CA SER B 63 16.31 -13.06 -24.03
C SER B 63 17.18 -12.04 -23.33
N PHE B 64 16.76 -10.78 -23.35
CA PHE B 64 17.39 -9.73 -22.56
C PHE B 64 16.37 -9.02 -21.68
N SER B 65 15.18 -8.71 -22.20
CA SER B 65 14.14 -8.00 -21.47
C SER B 65 13.18 -8.97 -20.79
N CYS B 66 12.99 -8.79 -19.48
CA CYS B 66 11.95 -9.47 -18.73
C CYS B 66 10.67 -8.65 -18.63
N GLU B 67 10.57 -7.53 -19.35
CA GLU B 67 9.49 -6.59 -19.10
C GLU B 67 8.13 -7.23 -19.31
N ASN B 68 7.97 -8.02 -20.38
CA ASN B 68 6.72 -8.72 -20.66
C ASN B 68 6.71 -10.14 -20.13
N HIS B 69 7.89 -10.74 -19.89
CA HIS B 69 7.96 -12.10 -19.39
C HIS B 69 7.81 -12.15 -17.87
N ARG B 70 7.92 -11.01 -17.21
CA ARG B 70 7.80 -10.96 -15.75
C ARG B 70 6.44 -11.51 -15.35
N ALA B 71 6.44 -12.53 -14.48
CA ALA B 71 5.23 -13.19 -14.06
C ALA B 71 4.97 -13.11 -12.56
N THR B 72 5.81 -12.42 -11.80
CA THR B 72 5.65 -12.29 -10.36
C THR B 72 5.75 -10.83 -9.95
N ILE B 73 5.24 -10.54 -8.75
CA ILE B 73 5.44 -9.21 -8.18
C ILE B 73 6.93 -8.98 -7.90
N ALA B 74 7.30 -7.71 -7.75
CA ALA B 74 8.68 -7.34 -7.47
C ALA B 74 9.00 -7.48 -6.00
N PHE B 75 10.17 -8.00 -5.70
CA PHE B 75 10.66 -8.16 -4.34
C PHE B 75 11.86 -7.23 -4.14
N ILE B 76 11.81 -6.44 -3.07
CA ILE B 76 12.93 -5.55 -2.78
C ILE B 76 14.14 -6.40 -2.39
N VAL B 77 15.32 -6.01 -2.84
CA VAL B 77 16.53 -6.78 -2.65
C VAL B 77 17.48 -6.00 -1.76
N GLN B 78 18.06 -6.68 -0.78
CA GLN B 78 19.15 -6.14 0.01
C GLN B 78 20.50 -6.44 -0.62
N LYS B 79 21.46 -5.58 -0.33
CA LYS B 79 22.81 -5.64 -0.86
C LYS B 79 23.80 -5.60 0.29
N PRO B 80 23.83 -6.64 1.13
CA PRO B 80 24.79 -6.61 2.25
C PRO B 80 26.22 -6.37 1.81
N THR B 81 26.55 -6.72 0.57
CA THR B 81 27.88 -6.51 0.03
C THR B 81 27.75 -6.26 -1.46
N VAL B 82 28.86 -5.85 -2.07
CA VAL B 82 28.88 -5.61 -3.52
C VAL B 82 28.82 -6.89 -4.33
N TYR B 83 29.04 -8.06 -3.71
CA TYR B 83 29.03 -9.32 -4.44
C TYR B 83 27.83 -10.20 -4.11
N SER B 84 26.91 -9.73 -3.27
CA SER B 84 25.78 -10.55 -2.85
C SER B 84 24.49 -9.74 -2.91
N LEU B 85 23.40 -10.46 -3.13
CA LEU B 85 22.05 -9.91 -3.04
C LEU B 85 21.23 -10.81 -2.11
N GLU B 86 20.44 -10.18 -1.25
CA GLU B 86 19.53 -10.87 -0.38
C GLU B 86 18.10 -10.41 -0.65
N THR B 87 17.19 -11.36 -0.73
CA THR B 87 15.81 -11.03 -1.01
C THR B 87 14.91 -12.03 -0.31
N SER B 88 13.76 -11.56 0.14
CA SER B 88 12.71 -12.40 0.70
C SER B 88 11.63 -12.50 -0.36
N VAL B 89 11.32 -13.71 -0.78
CA VAL B 89 10.38 -13.95 -1.86
C VAL B 89 9.36 -14.96 -1.38
N LEU B 90 8.20 -14.91 -2.01
CA LEU B 90 7.15 -15.90 -1.78
C LEU B 90 6.62 -16.31 -3.14
N LEU B 91 6.77 -17.58 -3.48
CA LEU B 91 6.55 -18.06 -4.83
C LEU B 91 5.29 -18.91 -4.94
N ARG B 92 4.54 -18.64 -6.00
CA ARG B 92 3.29 -19.30 -6.30
C ARG B 92 3.54 -20.55 -7.13
N GLN B 93 2.88 -21.64 -6.76
CA GLN B 93 2.82 -22.82 -7.59
C GLN B 93 2.80 -22.46 -9.08
N LEU B 94 3.73 -23.02 -9.85
CA LEU B 94 3.72 -22.81 -11.28
C LEU B 94 2.42 -23.37 -11.87
N THR B 95 2.04 -22.83 -13.02
CA THR B 95 0.90 -23.37 -13.75
C THR B 95 1.36 -24.56 -14.59
N PRO B 96 0.43 -25.32 -15.15
CA PRO B 96 0.84 -26.43 -16.02
C PRO B 96 1.59 -25.97 -17.26
N PHE B 97 1.43 -24.71 -17.64
CA PHE B 97 2.06 -24.17 -18.84
C PHE B 97 3.44 -23.58 -18.58
N GLU B 98 3.79 -23.35 -17.32
CA GLU B 98 5.05 -22.73 -16.95
C GLU B 98 6.07 -23.78 -16.55
N SER B 99 7.30 -23.63 -17.04
CA SER B 99 8.36 -24.60 -16.80
C SER B 99 9.11 -24.32 -15.51
N ALA B 100 9.49 -23.07 -15.26
CA ALA B 100 10.31 -22.74 -14.11
C ALA B 100 10.22 -21.24 -13.84
N PHE B 101 10.83 -20.83 -12.74
CA PHE B 101 10.98 -19.42 -12.40
C PHE B 101 12.40 -18.99 -12.77
N TYR B 102 12.52 -18.06 -13.69
CA TYR B 102 13.81 -17.54 -14.13
C TYR B 102 14.03 -16.15 -13.53
N ILE B 103 15.22 -15.92 -13.01
CA ILE B 103 15.48 -14.71 -12.25
C ILE B 103 15.45 -13.50 -13.18
N CYS B 104 14.81 -12.43 -12.73
CA CYS B 104 14.82 -11.14 -13.42
C CYS B 104 15.27 -10.06 -12.45
N PHE B 105 15.96 -9.06 -12.98
CA PHE B 105 16.45 -7.93 -12.20
C PHE B 105 15.87 -6.64 -12.77
N LYS B 106 15.42 -5.76 -11.87
CA LYS B 106 15.04 -4.41 -12.26
C LYS B 106 16.21 -3.46 -12.05
N LEU B 107 16.52 -2.67 -13.07
CA LEU B 107 17.62 -1.72 -13.01
C LEU B 107 17.11 -0.33 -12.62
N ALA B 108 17.91 0.38 -11.82
CA ALA B 108 17.55 1.73 -11.43
C ALA B 108 17.69 2.72 -12.53
N HIS B 109 17.96 2.31 -13.76
CA HIS B 109 18.10 3.26 -14.87
C HIS B 109 17.54 2.58 -16.11
N PRO B 110 16.46 3.08 -16.71
CA PRO B 110 15.91 2.42 -17.90
C PRO B 110 16.85 2.48 -19.10
N PHE B 111 16.58 1.57 -20.04
CA PHE B 111 17.21 1.58 -21.35
C PHE B 111 16.17 1.06 -22.34
N SER B 112 16.48 1.15 -23.63
CA SER B 112 15.58 0.74 -24.70
C SER B 112 16.09 -0.53 -25.38
N HIS B 113 15.18 -1.46 -25.64
CA HIS B 113 15.49 -2.74 -26.27
C HIS B 113 15.00 -2.82 -27.72
N ASN B 114 13.84 -2.22 -28.00
CA ASN B 114 13.30 -2.15 -29.36
C ASN B 114 12.44 -0.89 -29.47
N ASN B 115 13.00 0.24 -29.07
CA ASN B 115 12.29 1.50 -28.95
C ASN B 115 11.13 1.42 -27.96
N GLN B 116 11.19 0.46 -27.05
CA GLN B 116 10.30 0.38 -25.89
C GLN B 116 11.20 0.35 -24.65
N THR B 117 10.83 1.11 -23.64
CA THR B 117 11.66 1.23 -22.45
C THR B 117 11.64 -0.06 -21.64
N VAL B 118 12.82 -0.48 -21.21
CA VAL B 118 12.99 -1.71 -20.45
C VAL B 118 13.82 -1.38 -19.22
N SER B 119 13.30 -1.71 -18.05
CA SER B 119 14.02 -1.62 -16.80
C SER B 119 14.22 -2.99 -16.17
N TRP B 120 13.59 -4.03 -16.73
CA TRP B 120 13.68 -5.40 -16.23
C TRP B 120 14.48 -6.22 -17.22
N ILE B 121 15.50 -6.95 -16.72
CA ILE B 121 16.35 -7.74 -17.59
C ILE B 121 16.55 -9.12 -16.96
N HIS B 122 16.73 -10.11 -17.82
CA HIS B 122 17.03 -11.46 -17.37
C HIS B 122 18.45 -11.52 -16.80
N ALA B 123 18.59 -12.22 -15.67
CA ALA B 123 19.91 -12.46 -15.09
C ALA B 123 20.72 -13.39 -15.97
N THR B 124 22.02 -13.08 -16.12
CA THR B 124 22.96 -13.90 -16.91
C THR B 124 23.76 -14.80 -15.97
N PRO B 125 23.90 -16.10 -16.24
CA PRO B 125 24.73 -16.92 -15.35
C PRO B 125 26.19 -16.58 -15.55
N THR B 126 26.94 -16.50 -14.45
CA THR B 126 28.37 -16.24 -14.56
C THR B 126 29.07 -17.39 -15.27
N TYR B 127 28.71 -18.64 -14.93
CA TYR B 127 29.21 -19.77 -15.70
C TYR B 127 28.02 -20.58 -16.19
N PRO B 128 28.14 -21.24 -17.35
CA PRO B 128 26.95 -21.85 -17.97
C PRO B 128 26.24 -22.87 -17.10
N ALA B 129 26.95 -23.61 -16.26
CA ALA B 129 26.34 -24.66 -15.45
C ALA B 129 25.75 -24.14 -14.14
N ALA B 130 25.72 -22.83 -13.95
CA ALA B 130 25.26 -22.27 -12.68
C ALA B 130 23.80 -22.57 -12.40
N ILE B 131 23.48 -22.79 -11.13
CA ILE B 131 22.12 -23.01 -10.67
C ILE B 131 21.51 -21.63 -10.38
N VAL B 132 20.66 -21.16 -11.29
CA VAL B 132 20.12 -19.81 -11.22
C VAL B 132 18.63 -19.80 -11.53
N THR B 133 17.99 -20.96 -11.40
CA THR B 133 16.57 -21.11 -11.69
C THR B 133 15.89 -21.89 -10.57
N LEU B 134 14.65 -21.51 -10.28
CA LEU B 134 13.85 -22.12 -9.23
C LEU B 134 12.58 -22.71 -9.84
N ARG B 135 11.95 -23.62 -9.09
CA ARG B 135 10.64 -24.14 -9.47
C ARG B 135 9.86 -24.51 -8.23
N THR B 136 8.54 -24.57 -8.39
CA THR B 136 7.62 -25.01 -7.35
C THR B 136 6.75 -26.12 -7.91
N ALA B 137 6.05 -26.81 -7.01
CA ALA B 137 5.12 -27.84 -7.43
C ALA B 137 4.08 -27.26 -8.38
N SER B 138 3.74 -28.03 -9.40
CA SER B 138 2.79 -27.59 -10.42
C SER B 138 1.36 -27.89 -9.99
N THR B 139 0.42 -27.14 -10.57
CA THR B 139 -1.00 -27.41 -10.37
C THR B 139 -1.53 -28.31 -11.51
N ASN C 11 -26.62 18.85 6.57
CA ASN C 11 -25.30 18.38 6.96
C ASN C 11 -25.41 17.01 7.60
N PRO C 12 -24.42 16.15 7.36
CA PRO C 12 -24.53 14.80 7.91
C PRO C 12 -24.71 14.87 9.41
N THR C 13 -25.61 14.06 9.91
CA THR C 13 -25.97 14.03 11.32
C THR C 13 -25.95 12.58 11.77
N VAL C 14 -25.40 12.34 12.96
CA VAL C 14 -25.21 11.00 13.48
C VAL C 14 -26.15 10.82 14.66
N THR C 15 -26.98 9.79 14.60
CA THR C 15 -27.92 9.47 15.66
C THR C 15 -27.37 8.43 16.63
N GLY C 16 -26.65 7.45 16.12
CA GLY C 16 -26.08 6.40 16.96
C GLY C 16 -24.94 5.71 16.24
N VAL C 17 -24.08 5.07 17.03
CA VAL C 17 -22.91 4.38 16.52
C VAL C 17 -22.85 3.02 17.19
N ILE C 18 -22.88 1.95 16.41
CA ILE C 18 -22.89 0.60 16.97
C ILE C 18 -21.58 -0.08 16.62
N PRO C 19 -20.64 -0.20 17.54
CA PRO C 19 -19.41 -0.95 17.25
C PRO C 19 -19.63 -2.45 17.33
N SER C 20 -18.89 -3.17 16.50
CA SER C 20 -18.96 -4.63 16.53
C SER C 20 -18.39 -5.19 17.82
N GLU C 21 -17.51 -4.45 18.50
CA GLU C 21 -17.01 -4.81 19.81
C GLU C 21 -16.90 -3.55 20.65
N PHE C 22 -17.38 -3.59 21.89
CA PHE C 22 -17.14 -2.48 22.81
C PHE C 22 -17.10 -2.98 24.24
N ILE C 23 -16.41 -2.20 25.08
CA ILE C 23 -16.11 -2.60 26.45
C ILE C 23 -16.97 -1.87 27.47
N SER C 24 -17.26 -0.59 27.24
CA SER C 24 -17.99 0.17 28.24
C SER C 24 -18.62 1.39 27.57
N LEU C 25 -19.52 2.03 28.31
CA LEU C 25 -20.19 3.24 27.85
C LEU C 25 -20.40 4.19 29.02
N SER C 26 -20.06 5.46 28.82
CA SER C 26 -20.25 6.45 29.87
C SER C 26 -20.22 7.83 29.24
N ALA C 27 -21.26 8.63 29.50
CA ALA C 27 -21.29 10.03 29.08
C ALA C 27 -21.21 10.15 27.57
N GLY C 28 -21.85 9.21 26.88
CA GLY C 28 -21.88 9.24 25.43
C GLY C 28 -20.61 8.82 24.75
N VAL C 29 -19.77 8.02 25.41
CA VAL C 29 -18.50 7.57 24.84
C VAL C 29 -18.41 6.07 25.01
N ILE C 30 -18.15 5.37 23.90
CA ILE C 30 -18.03 3.92 23.89
C ILE C 30 -16.55 3.57 23.83
N GLU C 31 -16.06 2.85 24.84
CA GLU C 31 -14.69 2.36 24.77
C GLU C 31 -14.65 1.15 23.86
N VAL C 32 -13.65 1.11 22.99
CA VAL C 32 -13.49 0.03 22.02
C VAL C 32 -12.10 -0.54 22.20
N PRO C 33 -11.87 -1.78 21.77
CA PRO C 33 -10.55 -2.38 21.89
C PRO C 33 -9.57 -1.64 20.99
N PRO C 34 -8.39 -1.27 21.52
CA PRO C 34 -7.39 -0.64 20.66
C PRO C 34 -6.71 -1.64 19.75
N ASN C 35 -6.23 -1.12 18.61
CA ASN C 35 -5.40 -1.89 17.68
C ASN C 35 -6.09 -3.18 17.22
N LYS C 36 -7.42 -3.16 17.14
CA LYS C 36 -8.18 -4.30 16.63
C LYS C 36 -9.11 -3.86 15.52
N ASN C 37 -9.20 -4.68 14.47
CA ASN C 37 -10.18 -4.46 13.42
C ASN C 37 -11.58 -4.60 13.99
N ILE C 38 -12.36 -3.52 13.95
CA ILE C 38 -13.76 -3.56 14.36
C ILE C 38 -14.61 -2.86 13.31
N THR C 39 -15.88 -3.21 13.27
CA THR C 39 -16.82 -2.67 12.30
C THR C 39 -17.76 -1.68 12.96
N LEU C 40 -17.96 -0.54 12.32
CA LEU C 40 -18.84 0.51 12.80
C LEU C 40 -20.10 0.61 11.96
N TYR C 41 -21.25 0.64 12.62
CA TYR C 41 -22.51 0.96 11.97
C TYR C 41 -22.98 2.30 12.50
N ILE C 42 -22.98 3.31 11.63
CA ILE C 42 -23.36 4.67 12.01
C ILE C 42 -24.71 4.98 11.34
N TYR C 43 -25.69 5.34 12.16
CA TYR C 43 -27.03 5.72 11.70
C TYR C 43 -27.23 7.21 11.85
N GLY C 44 -27.93 7.80 10.89
CA GLY C 44 -28.09 9.24 10.86
C GLY C 44 -28.73 9.70 9.57
N GLU C 45 -28.52 10.97 9.25
CA GLU C 45 -29.23 11.62 8.16
C GLU C 45 -28.27 12.48 7.35
N SER C 46 -28.55 12.60 6.06
CA SER C 46 -27.75 13.38 5.11
C SER C 46 -26.39 12.72 4.84
N PHE C 47 -26.37 11.39 4.75
CA PHE C 47 -25.14 10.67 4.49
C PHE C 47 -24.81 10.51 3.01
N GLU C 48 -25.58 11.12 2.10
CA GLU C 48 -25.38 10.78 0.69
C GLU C 48 -24.04 11.33 0.17
N ASN C 49 -23.71 12.59 0.51
CA ASN C 49 -22.47 13.14 -0.02
C ASN C 49 -21.24 12.67 0.79
N VAL C 50 -21.37 11.68 1.67
CA VAL C 50 -20.26 11.27 2.54
C VAL C 50 -19.49 10.13 1.89
N THR C 51 -18.17 10.30 1.77
CA THR C 51 -17.29 9.34 1.12
C THR C 51 -16.36 8.60 2.07
N TYR C 52 -15.85 9.27 3.11
CA TYR C 52 -14.86 8.67 4.00
C TYR C 52 -15.17 9.03 5.45
N LEU C 53 -14.58 8.24 6.35
CA LEU C 53 -14.67 8.45 7.79
C LEU C 53 -13.28 8.63 8.38
N ALA C 54 -13.18 9.57 9.32
CA ALA C 54 -11.96 9.73 10.11
C ALA C 54 -12.36 10.17 11.50
N PHE C 55 -11.37 10.24 12.39
CA PHE C 55 -11.61 10.63 13.77
C PHE C 55 -10.67 11.77 14.14
N ALA C 56 -11.20 12.70 14.92
CA ALA C 56 -10.39 13.73 15.57
C ALA C 56 -10.22 13.38 17.04
N THR C 57 -9.12 13.83 17.62
CA THR C 57 -8.86 13.61 19.03
C THR C 57 -9.21 14.82 19.87
N SER C 58 -9.71 15.88 19.25
CA SER C 58 -10.15 17.09 19.94
C SER C 58 -11.28 17.73 19.16
N ARG C 59 -12.37 18.07 19.84
CA ARG C 59 -13.54 18.68 19.22
C ARG C 59 -13.98 19.89 20.03
N SER C 60 -14.03 21.06 19.40
CA SER C 60 -14.72 22.21 19.96
C SER C 60 -16.19 22.19 19.57
N GLU C 61 -17.04 22.69 20.46
CA GLU C 61 -18.46 22.79 20.12
C GLU C 61 -18.65 23.66 18.90
N ASP C 62 -17.87 24.74 18.78
CA ASP C 62 -17.86 25.58 17.60
C ASP C 62 -16.86 25.06 16.57
N SER C 63 -17.01 23.78 16.23
CA SER C 63 -16.17 23.12 15.27
C SER C 63 -17.03 22.70 14.10
N PHE C 64 -16.61 23.06 12.89
CA PHE C 64 -17.27 22.61 11.68
C PHE C 64 -16.30 21.92 10.74
N SER C 65 -15.12 22.51 10.54
CA SER C 65 -14.11 21.94 9.65
C SER C 65 -13.23 21.01 10.46
N CYS C 66 -13.14 19.76 10.03
CA CYS C 66 -12.24 18.79 10.63
C CYS C 66 -10.90 18.72 9.93
N GLU C 67 -10.61 19.67 9.02
CA GLU C 67 -9.40 19.59 8.22
C GLU C 67 -8.14 19.61 9.09
N ASN C 68 -8.11 20.44 10.12
CA ASN C 68 -6.93 20.51 10.97
C ASN C 68 -7.00 19.60 12.18
N HIS C 69 -8.21 19.21 12.62
CA HIS C 69 -8.34 18.36 13.79
C HIS C 69 -8.25 16.87 13.47
N ARG C 70 -8.32 16.49 12.20
CA ARG C 70 -8.26 15.09 11.84
C ARG C 70 -6.98 14.46 12.36
N ALA C 71 -7.11 13.37 13.11
CA ALA C 71 -5.96 12.71 13.72
C ALA C 71 -5.78 11.27 13.29
N THR C 72 -6.61 10.74 12.39
CA THR C 72 -6.51 9.36 11.95
C THR C 72 -6.53 9.28 10.42
N ILE C 73 -6.07 8.13 9.92
CA ILE C 73 -6.19 7.86 8.50
C ILE C 73 -7.67 7.76 8.11
N ALA C 74 -7.93 7.89 6.82
CA ALA C 74 -9.30 7.85 6.32
C ALA C 74 -9.75 6.41 6.12
N PHE C 75 -10.99 6.12 6.51
CA PHE C 75 -11.60 4.80 6.32
C PHE C 75 -12.75 4.90 5.32
N ILE C 76 -12.72 4.04 4.30
CA ILE C 76 -13.78 4.03 3.30
C ILE C 76 -15.07 3.48 3.93
N VAL C 77 -16.20 4.06 3.52
CA VAL C 77 -17.52 3.73 4.09
C VAL C 77 -18.41 3.11 3.02
N GLN C 78 -19.11 2.04 3.40
CA GLN C 78 -20.22 1.51 2.63
C GLN C 78 -21.54 2.17 3.07
N LYS C 79 -22.52 2.15 2.17
CA LYS C 79 -23.84 2.75 2.40
C LYS C 79 -24.92 1.72 2.14
N PRO C 80 -25.02 0.69 2.98
CA PRO C 80 -26.07 -0.32 2.76
C PRO C 80 -27.46 0.25 2.69
N THR C 81 -27.71 1.41 3.28
CA THR C 81 -29.03 2.03 3.27
C THR C 81 -28.86 3.54 3.24
N VAL C 82 -29.98 4.23 3.02
CA VAL C 82 -29.97 5.68 2.97
C VAL C 82 -29.74 6.30 4.35
N TYR C 83 -29.95 5.52 5.42
CA TYR C 83 -29.82 6.02 6.77
C TYR C 83 -28.65 5.42 7.54
N SER C 84 -27.80 4.61 6.91
CA SER C 84 -26.77 3.88 7.63
C SER C 84 -25.44 3.97 6.89
N LEU C 85 -24.35 3.86 7.67
CA LEU C 85 -23.00 3.72 7.14
C LEU C 85 -22.34 2.51 7.77
N GLU C 86 -21.63 1.74 6.96
CA GLU C 86 -20.85 0.59 7.41
C GLU C 86 -19.38 0.83 7.08
N THR C 87 -18.51 0.60 8.06
CA THR C 87 -17.09 0.81 7.85
C THR C 87 -16.29 -0.07 8.79
N SER C 88 -15.10 -0.46 8.33
CA SER C 88 -14.14 -1.19 9.15
C SER C 88 -13.03 -0.22 9.55
N VAL C 89 -12.80 -0.08 10.85
CA VAL C 89 -11.82 0.86 11.36
C VAL C 89 -10.89 0.13 12.32
N LEU C 90 -9.72 0.69 12.52
CA LEU C 90 -8.77 0.23 13.52
C LEU C 90 -8.28 1.45 14.30
N LEU C 91 -8.54 1.46 15.60
CA LEU C 91 -8.30 2.63 16.43
C LEU C 91 -7.14 2.37 17.38
N ARG C 92 -6.22 3.33 17.43
CA ARG C 92 -5.02 3.28 18.25
C ARG C 92 -5.27 3.87 19.62
N GLN C 93 -4.73 3.23 20.65
CA GLN C 93 -4.68 3.80 21.98
C GLN C 93 -4.51 5.32 21.95
N LEU C 94 -5.40 6.04 22.62
CA LEU C 94 -5.25 7.48 22.75
C LEU C 94 -3.97 7.80 23.51
N THR C 95 -3.44 8.99 23.28
CA THR C 95 -2.30 9.49 24.05
C THR C 95 -2.82 10.07 25.35
N PRO C 96 -1.92 10.39 26.30
CA PRO C 96 -2.41 11.01 27.55
C PRO C 96 -3.06 12.35 27.31
N PHE C 97 -2.77 13.00 26.18
CA PHE C 97 -3.29 14.32 25.87
C PHE C 97 -4.61 14.28 25.10
N GLU C 98 -5.00 13.11 24.59
CA GLU C 98 -6.22 12.96 23.80
C GLU C 98 -7.33 12.39 24.67
N SER C 99 -8.52 12.99 24.55
CA SER C 99 -9.66 12.59 25.36
C SER C 99 -10.48 11.46 24.73
N ALA C 100 -10.78 11.57 23.43
CA ALA C 100 -11.66 10.63 22.77
C ALA C 100 -11.47 10.72 21.28
N PHE C 101 -12.15 9.84 20.54
CA PHE C 101 -12.22 9.86 19.09
C PHE C 101 -13.55 10.46 18.67
N TYR C 102 -13.51 11.60 17.98
CA TYR C 102 -14.71 12.26 17.49
C TYR C 102 -14.82 12.01 15.99
N ILE C 103 -16.02 11.62 15.55
CA ILE C 103 -16.19 11.23 14.15
C ILE C 103 -16.11 12.45 13.24
N CYS C 104 -15.41 12.30 12.13
CA CYS C 104 -15.40 13.28 11.05
C CYS C 104 -15.77 12.57 9.74
N PHE C 105 -16.43 13.33 8.87
CA PHE C 105 -16.85 12.83 7.57
C PHE C 105 -16.22 13.68 6.47
N LYS C 106 -15.76 13.02 5.41
CA LYS C 106 -15.33 13.70 4.21
C LYS C 106 -16.49 13.78 3.23
N LEU C 107 -16.74 14.97 2.70
CA LEU C 107 -17.82 15.20 1.76
C LEU C 107 -17.34 15.07 0.33
N ALA C 108 -18.21 14.53 -0.53
CA ALA C 108 -17.85 14.37 -1.94
C ALA C 108 -17.76 15.68 -2.70
N HIS C 109 -17.96 16.81 -2.03
CA HIS C 109 -17.84 18.12 -2.64
C HIS C 109 -17.26 19.10 -1.63
N PRO C 110 -16.07 19.64 -1.85
CA PRO C 110 -15.54 20.62 -0.91
C PRO C 110 -16.40 21.88 -0.89
N PHE C 111 -16.19 22.68 0.14
CA PHE C 111 -16.82 24.00 0.24
C PHE C 111 -15.84 24.96 0.88
N SER C 112 -16.22 26.24 0.85
CA SER C 112 -15.38 27.33 1.35
C SER C 112 -15.97 27.80 2.68
N HIS C 113 -15.14 27.83 3.72
CA HIS C 113 -15.61 28.22 5.04
C HIS C 113 -14.93 29.51 5.43
N ASN C 114 -13.75 29.46 6.05
CA ASN C 114 -12.99 30.66 6.44
C ASN C 114 -11.90 30.97 5.43
N ASN C 115 -12.27 31.06 4.15
CA ASN C 115 -11.33 31.23 3.05
C ASN C 115 -10.36 30.06 2.93
N GLN C 116 -10.77 28.89 3.43
CA GLN C 116 -10.08 27.63 3.22
C GLN C 116 -11.05 26.64 2.61
N THR C 117 -10.60 25.92 1.58
CA THR C 117 -11.45 24.89 0.98
C THR C 117 -11.47 23.69 1.92
N VAL C 118 -12.65 23.16 2.18
CA VAL C 118 -12.85 22.13 3.20
C VAL C 118 -13.63 20.95 2.64
N SER C 119 -13.10 19.75 2.83
CA SER C 119 -13.81 18.52 2.52
C SER C 119 -14.10 17.67 3.75
N TRP C 120 -13.50 17.98 4.89
CA TRP C 120 -13.69 17.21 6.13
C TRP C 120 -14.46 18.06 7.13
N ILE C 121 -15.52 17.47 7.71
CA ILE C 121 -16.37 18.18 8.65
C ILE C 121 -16.63 17.30 9.86
N HIS C 122 -16.83 17.95 11.01
CA HIS C 122 -17.23 17.24 12.21
C HIS C 122 -18.67 16.76 12.09
N ALA C 123 -18.91 15.52 12.47
CA ALA C 123 -20.27 15.00 12.51
C ALA C 123 -21.03 15.67 13.66
N THR C 124 -22.26 16.08 13.37
CA THR C 124 -23.13 16.69 14.38
C THR C 124 -24.14 15.67 14.87
N PRO C 125 -24.36 15.53 16.17
CA PRO C 125 -25.36 14.57 16.65
C PRO C 125 -26.78 15.02 16.35
N THR C 126 -27.63 14.06 15.98
CA THR C 126 -29.03 14.37 15.73
C THR C 126 -29.73 14.89 16.98
N TYR C 127 -29.47 14.28 18.12
CA TYR C 127 -30.02 14.75 19.39
C TYR C 127 -28.88 15.03 20.36
N PRO C 128 -29.06 15.99 21.27
CA PRO C 128 -27.90 16.44 22.08
C PRO C 128 -27.25 15.32 22.88
N ALA C 129 -28.05 14.37 23.37
CA ALA C 129 -27.55 13.29 24.22
C ALA C 129 -27.13 12.04 23.45
N ALA C 130 -27.10 12.08 22.12
CA ALA C 130 -26.80 10.87 21.34
C ALA C 130 -25.39 10.36 21.62
N ILE C 131 -25.25 9.04 21.55
CA ILE C 131 -23.97 8.37 21.76
C ILE C 131 -23.25 8.30 20.41
N VAL C 132 -22.27 9.19 20.22
CA VAL C 132 -21.61 9.33 18.92
C VAL C 132 -20.11 9.51 19.06
N THR C 133 -19.54 9.07 20.18
CA THR C 133 -18.12 9.25 20.45
C THR C 133 -17.47 7.94 20.87
N LEU C 134 -16.22 7.77 20.47
CA LEU C 134 -15.44 6.59 20.77
C LEU C 134 -14.22 6.98 21.59
N ARG C 135 -13.67 6.01 22.31
CA ARG C 135 -12.39 6.21 22.97
C ARG C 135 -11.71 4.85 23.07
N THR C 136 -10.40 4.88 23.28
CA THR C 136 -9.62 3.69 23.54
C THR C 136 -8.84 3.89 24.82
N ALA C 137 -8.31 2.80 25.37
CA ALA C 137 -7.46 2.90 26.54
C ALA C 137 -6.30 3.85 26.25
N SER C 138 -5.94 4.65 27.24
CA SER C 138 -4.89 5.64 27.05
C SER C 138 -3.53 5.00 27.27
N THR C 139 -2.48 5.76 26.95
CA THR C 139 -1.11 5.34 27.23
C THR C 139 -0.57 6.13 28.42
N ASN D 11 -5.02 9.86 -17.52
CA ASN D 11 -4.78 8.47 -17.12
C ASN D 11 -5.98 7.58 -17.44
N PRO D 12 -5.72 6.36 -17.92
CA PRO D 12 -6.82 5.48 -18.35
C PRO D 12 -7.74 5.11 -17.21
N THR D 13 -9.03 5.06 -17.52
CA THR D 13 -10.08 4.69 -16.57
C THR D 13 -10.98 3.66 -17.23
N VAL D 14 -11.39 2.65 -16.46
CA VAL D 14 -12.16 1.51 -16.97
C VAL D 14 -13.56 1.57 -16.41
N THR D 15 -14.57 1.51 -17.30
CA THR D 15 -15.96 1.52 -16.90
C THR D 15 -16.53 0.11 -16.74
N GLY D 16 -16.14 -0.81 -17.62
CA GLY D 16 -16.66 -2.16 -17.56
C GLY D 16 -15.79 -3.13 -18.29
N VAL D 17 -15.96 -4.40 -17.94
CA VAL D 17 -15.20 -5.50 -18.52
C VAL D 17 -16.17 -6.61 -18.85
N ILE D 18 -16.20 -7.01 -20.12
CA ILE D 18 -17.10 -8.07 -20.56
C ILE D 18 -16.20 -9.24 -20.97
N PRO D 19 -16.09 -10.28 -20.16
CA PRO D 19 -15.30 -11.46 -20.56
C PRO D 19 -16.05 -12.35 -21.54
N SER D 20 -15.27 -13.00 -22.41
CA SER D 20 -15.87 -13.92 -23.37
C SER D 20 -16.46 -15.14 -22.67
N GLU D 21 -15.93 -15.49 -21.50
CA GLU D 21 -16.48 -16.55 -20.67
C GLU D 21 -16.39 -16.13 -19.21
N PHE D 22 -17.46 -16.32 -18.46
CA PHE D 22 -17.37 -16.16 -17.02
C PHE D 22 -18.38 -17.11 -16.37
N ILE D 23 -18.15 -17.39 -15.10
CA ILE D 23 -18.89 -18.42 -14.38
C ILE D 23 -19.95 -17.82 -13.49
N SER D 24 -19.63 -16.69 -12.85
CA SER D 24 -20.54 -16.07 -11.90
C SER D 24 -20.10 -14.62 -11.70
N LEU D 25 -20.91 -13.88 -10.95
CA LEU D 25 -20.61 -12.49 -10.64
C LEU D 25 -20.96 -12.28 -9.17
N SER D 26 -20.06 -11.66 -8.42
CA SER D 26 -20.29 -11.47 -6.99
C SER D 26 -19.42 -10.34 -6.45
N ALA D 27 -20.08 -9.36 -5.82
CA ALA D 27 -19.40 -8.30 -5.09
C ALA D 27 -18.47 -7.50 -6.01
N GLY D 28 -18.90 -7.30 -7.25
CA GLY D 28 -18.12 -6.53 -8.19
C GLY D 28 -16.91 -7.26 -8.74
N VAL D 29 -16.94 -8.60 -8.70
CA VAL D 29 -15.83 -9.43 -9.16
C VAL D 29 -16.37 -10.51 -10.07
N ILE D 30 -15.74 -10.67 -11.24
CA ILE D 30 -16.16 -11.65 -12.24
C ILE D 30 -15.28 -12.88 -12.09
N GLU D 31 -15.88 -14.02 -11.79
CA GLU D 31 -15.13 -15.27 -11.79
C GLU D 31 -14.99 -15.72 -13.24
N VAL D 32 -13.76 -16.05 -13.63
CA VAL D 32 -13.50 -16.47 -15.01
C VAL D 32 -12.78 -17.81 -14.96
N PRO D 33 -12.82 -18.57 -16.04
CA PRO D 33 -12.11 -19.86 -16.06
C PRO D 33 -10.61 -19.67 -15.95
N PRO D 34 -9.95 -20.37 -15.04
CA PRO D 34 -8.49 -20.30 -14.97
C PRO D 34 -7.83 -21.13 -16.06
N ASN D 35 -6.60 -20.76 -16.38
CA ASN D 35 -5.75 -21.52 -17.30
C ASN D 35 -6.42 -21.73 -18.65
N LYS D 36 -7.30 -20.80 -19.03
CA LYS D 36 -7.96 -20.84 -20.32
C LYS D 36 -7.81 -19.49 -20.99
N ASN D 37 -7.57 -19.50 -22.30
CA ASN D 37 -7.62 -18.26 -23.06
C ASN D 37 -9.03 -17.70 -23.05
N ILE D 38 -9.17 -16.49 -22.54
CA ILE D 38 -10.44 -15.78 -22.59
C ILE D 38 -10.16 -14.39 -23.14
N THR D 39 -11.19 -13.81 -23.75
CA THR D 39 -11.09 -12.49 -24.36
C THR D 39 -11.84 -11.50 -23.48
N LEU D 40 -11.21 -10.37 -23.21
CA LEU D 40 -11.79 -9.33 -22.37
C LEU D 40 -12.16 -8.16 -23.27
N TYR D 41 -13.36 -7.64 -23.09
CA TYR D 41 -13.79 -6.43 -23.78
C TYR D 41 -13.82 -5.35 -22.70
N ILE D 42 -12.88 -4.41 -22.78
CA ILE D 42 -12.72 -3.39 -21.76
C ILE D 42 -13.21 -2.07 -22.33
N TYR D 43 -14.16 -1.46 -21.65
CA TYR D 43 -14.71 -0.17 -22.04
C TYR D 43 -14.24 0.86 -21.01
N GLY D 44 -13.89 2.04 -21.51
CA GLY D 44 -13.32 3.05 -20.64
C GLY D 44 -12.83 4.23 -21.47
N GLU D 45 -11.95 5.02 -20.86
CA GLU D 45 -11.60 6.31 -21.42
C GLU D 45 -10.12 6.60 -21.20
N SER D 46 -9.53 7.37 -22.12
CA SER D 46 -8.12 7.77 -22.05
C SER D 46 -7.21 6.58 -22.32
N PHE D 47 -7.60 5.72 -23.26
CA PHE D 47 -6.83 4.55 -23.61
C PHE D 47 -5.74 4.80 -24.65
N GLU D 48 -5.47 6.04 -25.04
CA GLU D 48 -4.61 6.25 -26.20
C GLU D 48 -3.17 5.82 -25.91
N ASN D 49 -2.62 6.22 -24.75
CA ASN D 49 -1.23 5.86 -24.48
C ASN D 49 -1.07 4.42 -23.96
N VAL D 50 -2.09 3.56 -24.09
CA VAL D 50 -2.04 2.21 -23.52
C VAL D 50 -1.48 1.24 -24.54
N THR D 51 -0.42 0.52 -24.16
CA THR D 51 0.23 -0.46 -25.02
C THR D 51 -0.02 -1.89 -24.61
N TYR D 52 -0.05 -2.16 -23.30
CA TYR D 52 -0.16 -3.52 -22.79
C TYR D 52 -1.10 -3.53 -21.59
N LEU D 53 -1.62 -4.70 -21.29
CA LEU D 53 -2.44 -4.95 -20.11
C LEU D 53 -1.80 -6.06 -19.28
N ALA D 54 -1.81 -5.88 -17.97
CA ALA D 54 -1.40 -6.90 -17.03
C ALA D 54 -2.29 -6.79 -15.80
N PHE D 55 -2.10 -7.71 -14.86
CA PHE D 55 -2.92 -7.75 -13.66
C PHE D 55 -2.05 -7.71 -12.41
N ALA D 56 -2.53 -7.00 -11.40
CA ALA D 56 -1.97 -7.04 -10.06
C ALA D 56 -2.90 -7.86 -9.16
N THR D 57 -2.33 -8.49 -8.15
CA THR D 57 -3.07 -9.27 -7.18
C THR D 57 -3.35 -8.48 -5.90
N SER D 58 -2.93 -7.23 -5.83
CA SER D 58 -3.14 -6.41 -4.65
C SER D 58 -3.33 -4.97 -5.08
N ARG D 59 -4.40 -4.33 -4.58
CA ARG D 59 -4.72 -2.96 -4.92
C ARG D 59 -5.13 -2.18 -3.69
N SER D 60 -4.41 -1.10 -3.40
CA SER D 60 -4.89 -0.07 -2.49
C SER D 60 -5.65 0.99 -3.29
N GLU D 61 -6.66 1.59 -2.66
CA GLU D 61 -7.38 2.68 -3.34
C GLU D 61 -6.43 3.80 -3.74
N ASP D 62 -5.43 4.09 -2.91
CA ASP D 62 -4.37 5.03 -3.28
C ASP D 62 -3.25 4.30 -4.04
N SER D 63 -3.64 3.64 -5.12
CA SER D 63 -2.71 2.90 -5.97
C SER D 63 -2.67 3.59 -7.33
N PHE D 64 -1.47 3.93 -7.78
CA PHE D 64 -1.29 4.55 -9.08
C PHE D 64 -0.28 3.77 -9.91
N SER D 65 0.86 3.43 -9.33
CA SER D 65 1.90 2.69 -10.02
C SER D 65 1.69 1.20 -9.75
N CYS D 66 1.56 0.43 -10.82
CA CYS D 66 1.47 -1.02 -10.78
C CYS D 66 2.83 -1.70 -10.94
N GLU D 67 3.93 -0.94 -10.89
CA GLU D 67 5.24 -1.48 -11.24
C GLU D 67 5.64 -2.63 -10.33
N ASN D 68 5.43 -2.52 -9.02
CA ASN D 68 5.80 -3.59 -8.11
C ASN D 68 4.66 -4.57 -7.86
N HIS D 69 3.42 -4.12 -8.08
CA HIS D 69 2.25 -4.94 -7.78
C HIS D 69 1.85 -5.85 -8.93
N ARG D 70 2.42 -5.67 -10.11
CA ARG D 70 2.09 -6.51 -11.26
C ARG D 70 2.43 -7.97 -11.00
N ALA D 71 1.46 -8.86 -11.25
CA ALA D 71 1.63 -10.28 -10.97
C ALA D 71 1.52 -11.19 -12.18
N THR D 72 1.29 -10.66 -13.38
CA THR D 72 1.14 -11.50 -14.56
C THR D 72 2.00 -10.98 -15.70
N ILE D 73 2.19 -11.85 -16.69
CA ILE D 73 2.86 -11.42 -17.92
C ILE D 73 1.99 -10.37 -18.60
N ALA D 74 2.60 -9.61 -19.50
CA ALA D 74 1.88 -8.56 -20.22
C ALA D 74 1.10 -9.15 -21.39
N PHE D 75 -0.12 -8.64 -21.58
CA PHE D 75 -0.98 -9.06 -22.67
C PHE D 75 -1.16 -7.90 -23.64
N ILE D 76 -0.94 -8.18 -24.93
CA ILE D 76 -1.10 -7.16 -25.96
C ILE D 76 -2.57 -6.78 -26.06
N VAL D 77 -2.84 -5.49 -26.27
CA VAL D 77 -4.20 -4.96 -26.28
C VAL D 77 -4.52 -4.47 -27.68
N GLN D 78 -5.71 -4.81 -28.15
CA GLN D 78 -6.25 -4.20 -29.37
C GLN D 78 -7.04 -2.96 -29.00
N LYS D 79 -7.14 -2.03 -29.95
CA LYS D 79 -7.81 -0.75 -29.74
C LYS D 79 -8.85 -0.53 -30.82
N PRO D 80 -9.92 -1.33 -30.86
CA PRO D 80 -10.93 -1.14 -31.91
C PRO D 80 -11.49 0.26 -31.94
N THR D 81 -11.53 0.94 -30.80
CA THR D 81 -12.07 2.29 -30.71
C THR D 81 -11.34 3.02 -29.59
N VAL D 82 -11.57 4.34 -29.51
CA VAL D 82 -10.94 5.13 -28.47
C VAL D 82 -11.55 4.84 -27.09
N TYR D 83 -12.71 4.20 -27.04
CA TYR D 83 -13.38 3.90 -25.79
C TYR D 83 -13.37 2.40 -25.46
N SER D 84 -12.75 1.57 -26.28
CA SER D 84 -12.78 0.13 -26.06
C SER D 84 -11.39 -0.44 -26.28
N LEU D 85 -11.11 -1.51 -25.55
CA LEU D 85 -9.92 -2.34 -25.72
C LEU D 85 -10.35 -3.79 -25.79
N GLU D 86 -9.78 -4.55 -26.69
CA GLU D 86 -9.96 -6.00 -26.73
C GLU D 86 -8.60 -6.64 -26.53
N THR D 87 -8.56 -7.64 -25.67
CA THR D 87 -7.33 -8.32 -25.32
C THR D 87 -7.66 -9.77 -25.03
N SER D 88 -6.74 -10.67 -25.34
CA SER D 88 -6.85 -12.06 -24.98
C SER D 88 -5.91 -12.32 -23.81
N VAL D 89 -6.45 -12.86 -22.72
CA VAL D 89 -5.70 -13.07 -21.50
C VAL D 89 -5.86 -14.52 -21.05
N LEU D 90 -4.89 -14.97 -20.25
CA LEU D 90 -4.94 -16.28 -19.61
C LEU D 90 -4.61 -16.07 -18.14
N LEU D 91 -5.55 -16.43 -17.27
CA LEU D 91 -5.44 -16.12 -15.86
C LEU D 91 -5.20 -17.40 -15.07
N ARG D 92 -4.22 -17.33 -14.19
CA ARG D 92 -3.79 -18.45 -13.35
C ARG D 92 -4.57 -18.46 -12.05
N GLN D 93 -5.01 -19.65 -11.66
CA GLN D 93 -5.58 -19.88 -10.34
C GLN D 93 -4.88 -19.01 -9.30
N LEU D 94 -5.66 -18.20 -8.59
CA LEU D 94 -5.11 -17.37 -7.53
C LEU D 94 -4.55 -18.23 -6.41
N THR D 95 -3.59 -17.68 -5.68
CA THR D 95 -3.05 -18.31 -4.49
C THR D 95 -3.90 -17.96 -3.29
N PRO D 96 -3.69 -18.63 -2.15
CA PRO D 96 -4.39 -18.24 -0.92
C PRO D 96 -4.04 -16.83 -0.47
N PHE D 97 -2.89 -16.31 -0.91
CA PHE D 97 -2.41 -14.99 -0.54
C PHE D 97 -2.93 -13.90 -1.45
N GLU D 98 -3.51 -14.24 -2.58
CA GLU D 98 -4.04 -13.27 -3.54
C GLU D 98 -5.55 -13.16 -3.43
N SER D 99 -6.05 -11.93 -3.46
CA SER D 99 -7.48 -11.71 -3.37
C SER D 99 -8.17 -11.72 -4.74
N ALA D 100 -7.63 -11.00 -5.70
CA ALA D 100 -8.27 -10.88 -7.01
C ALA D 100 -7.24 -10.36 -8.02
N PHE D 101 -7.65 -10.30 -9.29
CA PHE D 101 -6.86 -9.73 -10.36
C PHE D 101 -7.36 -8.31 -10.65
N TYR D 102 -6.48 -7.32 -10.47
CA TYR D 102 -6.79 -5.93 -10.72
C TYR D 102 -6.09 -5.48 -12.00
N ILE D 103 -6.82 -4.76 -12.86
CA ILE D 103 -6.30 -4.41 -14.18
C ILE D 103 -5.19 -3.38 -14.03
N CYS D 104 -4.11 -3.58 -14.79
CA CYS D 104 -3.04 -2.61 -14.93
C CYS D 104 -2.78 -2.35 -16.41
N PHE D 105 -2.39 -1.13 -16.73
CA PHE D 105 -2.08 -0.71 -18.09
C PHE D 105 -0.64 -0.26 -18.16
N LYS D 106 0.06 -0.67 -19.23
CA LYS D 106 1.38 -0.11 -19.52
C LYS D 106 1.21 1.05 -20.50
N LEU D 107 1.83 2.18 -20.20
CA LEU D 107 1.73 3.36 -21.02
C LEU D 107 2.92 3.45 -21.97
N ALA D 108 2.67 3.92 -23.19
CA ALA D 108 3.75 4.05 -24.17
C ALA D 108 4.70 5.17 -23.86
N HIS D 109 4.55 5.82 -22.71
CA HIS D 109 5.47 6.89 -22.32
C HIS D 109 5.65 6.81 -20.81
N PRO D 110 6.85 6.52 -20.31
CA PRO D 110 7.03 6.52 -18.86
C PRO D 110 6.83 7.93 -18.33
N PHE D 111 6.60 8.03 -17.03
CA PHE D 111 6.53 9.32 -16.39
C PHE D 111 7.14 9.21 -15.00
N SER D 112 7.27 10.35 -14.33
CA SER D 112 7.93 10.42 -13.04
C SER D 112 6.91 10.60 -11.93
N HIS D 113 6.98 9.72 -10.94
CA HIS D 113 6.13 9.74 -9.76
C HIS D 113 6.92 10.05 -8.50
N ASN D 114 8.17 9.58 -8.43
CA ASN D 114 9.06 9.89 -7.32
C ASN D 114 10.49 9.90 -7.83
N ASN D 115 10.70 10.52 -8.98
CA ASN D 115 11.96 10.52 -9.69
C ASN D 115 12.44 9.10 -10.00
N GLN D 116 11.50 8.16 -10.03
CA GLN D 116 11.70 6.82 -10.56
C GLN D 116 10.68 6.67 -11.66
N THR D 117 11.12 6.20 -12.82
CA THR D 117 10.24 6.08 -13.98
C THR D 117 9.26 4.94 -13.84
N VAL D 118 8.00 5.21 -14.16
CA VAL D 118 6.90 4.26 -14.03
C VAL D 118 6.19 4.20 -15.36
N SER D 119 6.01 3.00 -15.90
CA SER D 119 5.25 2.77 -17.10
C SER D 119 3.97 1.95 -16.90
N TRP D 120 3.81 1.34 -15.73
CA TRP D 120 2.66 0.51 -15.42
C TRP D 120 1.82 1.21 -14.36
N ILE D 121 0.52 1.33 -14.61
CA ILE D 121 -0.36 2.05 -13.70
C ILE D 121 -1.63 1.25 -13.45
N HIS D 122 -2.17 1.41 -12.24
CA HIS D 122 -3.47 0.84 -11.92
C HIS D 122 -4.57 1.56 -12.66
N ALA D 123 -5.49 0.78 -13.24
CA ALA D 123 -6.67 1.36 -13.86
C ALA D 123 -7.59 1.95 -12.81
N THR D 124 -8.14 3.13 -13.10
CA THR D 124 -9.07 3.78 -12.17
C THR D 124 -10.49 3.51 -12.63
N PRO D 125 -11.40 3.07 -11.75
CA PRO D 125 -12.79 2.85 -12.18
C PRO D 125 -13.50 4.16 -12.46
N THR D 126 -14.30 4.16 -13.53
CA THR D 126 -15.03 5.36 -13.91
C THR D 126 -16.06 5.74 -12.86
N TYR D 127 -16.85 4.77 -12.40
CA TYR D 127 -17.81 4.98 -11.32
C TYR D 127 -17.59 3.95 -10.23
N PRO D 128 -17.93 4.28 -8.98
CA PRO D 128 -17.57 3.39 -7.86
C PRO D 128 -18.14 1.99 -8.00
N ALA D 129 -19.31 1.81 -8.62
CA ALA D 129 -19.97 0.52 -8.72
C ALA D 129 -19.52 -0.32 -9.92
N ALA D 130 -18.51 0.14 -10.67
CA ALA D 130 -18.10 -0.57 -11.87
C ALA D 130 -17.51 -1.94 -11.54
N ILE D 131 -17.78 -2.91 -12.42
CA ILE D 131 -17.18 -4.23 -12.32
C ILE D 131 -15.87 -4.18 -13.11
N VAL D 132 -14.76 -4.09 -12.39
CA VAL D 132 -13.46 -3.85 -13.02
C VAL D 132 -12.44 -4.79 -12.40
N THR D 133 -12.92 -5.88 -11.79
CA THR D 133 -12.06 -6.83 -11.11
C THR D 133 -12.43 -8.24 -11.54
N LEU D 134 -11.43 -9.09 -11.66
CA LEU D 134 -11.59 -10.48 -12.06
C LEU D 134 -11.09 -11.38 -10.94
N ARG D 135 -11.55 -12.63 -10.95
CA ARG D 135 -10.99 -13.63 -10.05
C ARG D 135 -11.12 -15.00 -10.69
N THR D 136 -10.29 -15.91 -10.23
CA THR D 136 -10.31 -17.31 -10.63
C THR D 136 -10.38 -18.17 -9.38
N ALA D 137 -10.66 -19.46 -9.57
CA ALA D 137 -10.67 -20.39 -8.45
C ALA D 137 -9.34 -20.35 -7.71
N SER D 138 -9.40 -20.41 -6.38
CA SER D 138 -8.21 -20.34 -5.56
C SER D 138 -7.58 -21.71 -5.37
N ASN E 11 28.50 39.62 2.35
CA ASN E 11 29.31 38.49 2.82
C ASN E 11 28.44 37.28 3.17
N PRO E 12 28.92 36.09 2.84
CA PRO E 12 28.04 34.91 2.94
C PRO E 12 27.58 34.63 4.38
N THR E 13 26.37 34.07 4.46
CA THR E 13 25.68 33.72 5.68
C THR E 13 25.13 32.31 5.54
N VAL E 14 25.26 31.50 6.60
CA VAL E 14 24.81 30.10 6.55
C VAL E 14 23.67 29.97 7.55
N THR E 15 22.51 29.53 7.06
CA THR E 15 21.30 29.34 7.84
C THR E 15 21.13 27.91 8.36
N GLY E 16 21.53 26.92 7.57
CA GLY E 16 21.38 25.53 7.97
C GLY E 16 22.34 24.64 7.20
N VAL E 17 22.60 23.47 7.78
CA VAL E 17 23.53 22.51 7.21
C VAL E 17 22.90 21.13 7.31
N ILE E 18 22.78 20.45 6.17
CA ILE E 18 22.16 19.14 6.08
C ILE E 18 23.21 18.12 5.65
N PRO E 19 23.76 17.35 6.57
CA PRO E 19 24.64 16.25 6.17
C PRO E 19 23.83 15.03 5.75
N SER E 20 24.33 14.33 4.73
CA SER E 20 23.67 13.12 4.24
C SER E 20 23.79 11.96 5.22
N GLU E 21 24.79 11.97 6.09
CA GLU E 21 24.94 10.99 7.15
C GLU E 21 25.38 11.72 8.40
N PHE E 22 24.73 11.44 9.53
CA PHE E 22 25.16 12.03 10.80
C PHE E 22 24.77 11.11 11.96
N ILE E 23 25.46 11.31 13.07
CA ILE E 23 25.34 10.42 14.22
C ILE E 23 24.52 11.05 15.34
N SER E 24 24.66 12.35 15.59
CA SER E 24 23.98 12.96 16.72
C SER E 24 23.93 14.47 16.57
N LEU E 25 23.17 15.11 17.46
CA LEU E 25 23.03 16.56 17.52
C LEU E 25 23.06 17.03 18.96
N SER E 26 23.81 18.08 19.24
CA SER E 26 23.87 18.63 20.59
C SER E 26 24.40 20.05 20.55
N ALA E 27 23.64 21.01 21.08
CA ALA E 27 24.11 22.37 21.29
C ALA E 27 24.53 23.04 19.98
N GLY E 28 23.79 22.79 18.92
CA GLY E 28 24.09 23.41 17.64
C GLY E 28 25.25 22.83 16.88
N VAL E 29 25.61 21.57 17.14
CA VAL E 29 26.70 20.91 16.46
C VAL E 29 26.25 19.53 16.01
N ILE E 30 26.46 19.22 14.73
CA ILE E 30 26.08 17.94 14.14
C ILE E 30 27.32 17.07 14.01
N GLU E 31 27.30 15.92 14.68
CA GLU E 31 28.37 14.94 14.53
C GLU E 31 28.19 14.14 13.25
N VAL E 32 29.27 13.98 12.51
CA VAL E 32 29.23 13.26 11.23
C VAL E 32 30.27 12.14 11.28
N PRO E 33 30.13 11.13 10.43
CA PRO E 33 31.10 10.04 10.42
C PRO E 33 32.47 10.55 10.00
N PRO E 34 33.53 10.20 10.74
CA PRO E 34 34.86 10.61 10.31
C PRO E 34 35.36 9.80 9.13
N ASN E 35 36.20 10.43 8.32
CA ASN E 35 36.90 9.75 7.22
C ASN E 35 35.94 9.02 6.28
N LYS E 36 34.73 9.56 6.09
CA LYS E 36 33.79 9.00 5.14
C LYS E 36 33.31 10.08 4.18
N ASN E 37 33.15 9.72 2.91
CA ASN E 37 32.51 10.61 1.93
C ASN E 37 31.09 10.91 2.40
N ILE E 38 30.80 12.17 2.65
CA ILE E 38 29.43 12.61 2.91
C ILE E 38 29.16 13.84 2.05
N THR E 39 27.89 14.07 1.76
CA THR E 39 27.45 15.19 0.95
C THR E 39 26.79 16.22 1.86
N LEU E 40 27.21 17.48 1.71
CA LEU E 40 26.67 18.58 2.50
C LEU E 40 25.83 19.50 1.62
N TYR E 41 24.63 19.81 2.09
CA TYR E 41 23.79 20.85 1.51
C TYR E 41 23.80 22.01 2.49
N ILE E 42 24.41 23.12 2.10
CA ILE E 42 24.55 24.28 2.95
C ILE E 42 23.61 25.35 2.42
N TYR E 43 22.67 25.77 3.26
CA TYR E 43 21.70 26.79 2.91
C TYR E 43 22.05 28.08 3.63
N GLY E 44 21.85 29.18 2.92
CA GLY E 44 22.24 30.48 3.44
C GLY E 44 22.10 31.53 2.35
N GLU E 45 22.77 32.66 2.55
CA GLU E 45 22.55 33.81 1.70
C GLU E 45 23.86 34.52 1.41
N SER E 46 23.91 35.16 0.24
CA SER E 46 25.08 35.88 -0.26
C SER E 46 26.18 34.89 -0.67
N PHE E 47 25.77 33.77 -1.28
CA PHE E 47 26.67 32.73 -1.74
C PHE E 47 27.24 33.01 -3.13
N GLU E 48 27.06 34.21 -3.68
CA GLU E 48 27.39 34.43 -5.09
C GLU E 48 28.88 34.28 -5.34
N ASN E 49 29.71 34.96 -4.55
CA ASN E 49 31.14 34.94 -4.80
C ASN E 49 31.83 33.71 -4.17
N VAL E 50 31.09 32.69 -3.75
CA VAL E 50 31.70 31.55 -3.04
C VAL E 50 32.09 30.49 -4.04
N THR E 51 33.35 30.08 -3.99
CA THR E 51 33.91 29.09 -4.90
C THR E 51 34.22 27.76 -4.23
N TYR E 52 34.70 27.77 -2.99
CA TYR E 52 35.12 26.55 -2.31
C TYR E 52 34.67 26.57 -0.86
N LEU E 53 34.67 25.38 -0.27
CA LEU E 53 34.34 25.17 1.13
C LEU E 53 35.52 24.53 1.84
N ALA E 54 35.79 25.03 3.05
CA ALA E 54 36.77 24.41 3.94
C ALA E 54 36.27 24.57 5.36
N PHE E 55 36.99 23.98 6.30
CA PHE E 55 36.62 24.03 7.70
C PHE E 55 37.79 24.50 8.54
N ALA E 56 37.49 25.31 9.55
CA ALA E 56 38.44 25.67 10.59
C ALA E 56 38.13 24.88 11.85
N THR E 57 39.16 24.62 12.65
CA THR E 57 39.01 23.90 13.90
C THR E 57 38.97 24.81 15.12
N SER E 58 39.11 26.13 14.93
CA SER E 58 39.04 27.08 16.02
C SER E 58 38.51 28.39 15.48
N ARG E 59 37.50 28.94 16.15
CA ARG E 59 36.85 30.18 15.71
C ARG E 59 36.69 31.11 16.90
N SER E 60 37.24 32.31 16.77
CA SER E 60 36.89 33.41 17.66
C SER E 60 35.68 34.14 17.07
N GLU E 61 34.82 34.65 17.96
CA GLU E 61 33.70 35.45 17.47
C GLU E 61 34.19 36.64 16.66
N ASP E 62 35.34 37.21 17.05
CA ASP E 62 35.97 38.28 16.28
C ASP E 62 36.83 37.66 15.17
N SER E 63 36.19 36.83 14.36
CA SER E 63 36.82 36.15 13.25
C SER E 63 36.18 36.63 11.96
N PHE E 64 37.01 37.07 11.02
CA PHE E 64 36.55 37.43 9.69
C PHE E 64 37.35 36.66 8.64
N SER E 65 38.66 36.66 8.78
CA SER E 65 39.53 35.96 7.83
C SER E 65 39.81 34.57 8.36
N CYS E 66 39.48 33.56 7.55
CA CYS E 66 39.81 32.17 7.83
C CYS E 66 41.12 31.75 7.16
N GLU E 67 41.87 32.71 6.61
CA GLU E 67 43.04 32.38 5.80
C GLU E 67 44.06 31.55 6.61
N ASN E 68 44.28 31.90 7.87
CA ASN E 68 45.22 31.16 8.70
C ASN E 68 44.56 30.04 9.48
N HIS E 69 43.23 30.08 9.66
CA HIS E 69 42.53 29.07 10.44
C HIS E 69 42.15 27.82 9.66
N ARG E 70 42.25 27.81 8.32
CA ARG E 70 41.87 26.61 7.59
C ARG E 70 42.64 25.41 8.09
N ALA E 71 41.91 24.34 8.40
CA ALA E 71 42.50 23.10 8.86
C ALA E 71 42.19 21.92 7.94
N THR E 72 41.46 22.14 6.84
CA THR E 72 41.11 21.08 5.92
C THR E 72 41.43 21.50 4.49
N ILE E 73 41.52 20.51 3.60
CA ILE E 73 41.60 20.83 2.19
C ILE E 73 40.30 21.48 1.74
N ALA E 74 40.37 22.17 0.61
CA ALA E 74 39.20 22.85 0.07
C ALA E 74 38.32 21.87 -0.70
N PHE E 75 37.01 22.01 -0.53
CA PHE E 75 36.03 21.21 -1.25
C PHE E 75 35.28 22.11 -2.22
N ILE E 76 35.25 21.71 -3.49
CA ILE E 76 34.53 22.48 -4.50
C ILE E 76 33.04 22.41 -4.23
N VAL E 77 32.34 23.52 -4.46
CA VAL E 77 30.92 23.63 -4.18
C VAL E 77 30.16 23.80 -5.48
N GLN E 78 29.08 23.04 -5.62
CA GLN E 78 28.06 23.25 -6.63
C GLN E 78 27.01 24.20 -6.07
N LYS E 79 26.29 24.87 -6.96
CA LYS E 79 25.30 25.88 -6.60
C LYS E 79 23.96 25.53 -7.22
N PRO E 80 23.30 24.46 -6.72
CA PRO E 80 21.99 24.08 -7.28
C PRO E 80 21.01 25.22 -7.23
N THR E 81 21.21 26.16 -6.32
CA THR E 81 20.32 27.31 -6.16
C THR E 81 21.17 28.49 -5.70
N VAL E 82 20.57 29.68 -5.77
CA VAL E 82 21.24 30.88 -5.28
C VAL E 82 21.27 30.91 -3.76
N TYR E 83 20.48 30.06 -3.10
CA TYR E 83 20.42 30.00 -1.65
C TYR E 83 21.09 28.77 -1.08
N SER E 84 21.67 27.91 -1.91
CA SER E 84 22.19 26.65 -1.44
C SER E 84 23.56 26.37 -2.06
N LEU E 85 24.35 25.60 -1.34
CA LEU E 85 25.61 25.07 -1.83
C LEU E 85 25.55 23.56 -1.65
N GLU E 86 26.03 22.83 -2.65
CA GLU E 86 26.15 21.38 -2.59
C GLU E 86 27.61 21.02 -2.70
N THR E 87 28.08 20.17 -1.79
CA THR E 87 29.47 19.79 -1.77
C THR E 87 29.61 18.42 -1.14
N SER E 88 30.61 17.67 -1.62
CA SER E 88 30.98 16.39 -1.05
C SER E 88 32.28 16.60 -0.27
N VAL E 89 32.26 16.22 1.01
CA VAL E 89 33.39 16.42 1.90
C VAL E 89 33.73 15.11 2.58
N LEU E 90 34.98 15.02 3.02
CA LEU E 90 35.45 13.93 3.85
C LEU E 90 36.19 14.56 5.01
N LEU E 91 35.72 14.32 6.23
CA LEU E 91 36.20 15.02 7.41
C LEU E 91 37.05 14.10 8.26
N ARG E 92 38.18 14.61 8.71
CA ARG E 92 39.14 13.84 9.49
C ARG E 92 38.80 13.96 10.97
N GLN E 93 38.82 12.82 11.65
CA GLN E 93 38.74 12.78 13.11
C GLN E 93 39.47 13.97 13.71
N LEU E 94 38.77 14.75 14.55
CA LEU E 94 39.37 15.89 15.20
C LEU E 94 40.50 15.46 16.14
N THR E 95 41.41 16.40 16.39
CA THR E 95 42.48 16.20 17.36
C THR E 95 41.95 16.50 18.76
N PRO E 96 42.71 16.14 19.80
CA PRO E 96 42.29 16.53 21.17
C PRO E 96 42.26 18.03 21.38
N PHE E 97 43.00 18.78 20.56
CA PHE E 97 43.10 20.22 20.70
C PHE E 97 42.03 20.97 19.94
N GLU E 98 41.30 20.30 19.05
CA GLU E 98 40.28 20.91 18.21
C GLU E 98 38.89 20.64 18.78
N SER E 99 38.07 21.68 18.82
CA SER E 99 36.72 21.56 19.38
C SER E 99 35.70 21.11 18.32
N ALA E 100 35.72 21.70 17.13
CA ALA E 100 34.72 21.40 16.12
C ALA E 100 35.23 21.86 14.76
N PHE E 101 34.45 21.56 13.72
CA PHE E 101 34.69 22.04 12.37
C PHE E 101 33.79 23.23 12.10
N TYR E 102 34.39 24.38 11.86
CA TYR E 102 33.66 25.62 11.57
C TYR E 102 33.78 25.91 10.09
N ILE E 103 32.66 26.25 9.46
CA ILE E 103 32.64 26.41 8.01
C ILE E 103 33.41 27.66 7.62
N CYS E 104 34.24 27.54 6.59
CA CYS E 104 34.90 28.66 5.94
C CYS E 104 34.62 28.60 4.45
N PHE E 105 34.55 29.78 3.84
CA PHE E 105 34.26 29.92 2.42
C PHE E 105 35.42 30.61 1.70
N LYS E 106 35.76 30.09 0.53
CA LYS E 106 36.67 30.77 -0.38
C LYS E 106 35.86 31.66 -1.32
N LEU E 107 36.23 32.93 -1.36
CA LEU E 107 35.56 33.90 -2.20
C LEU E 107 36.35 34.12 -3.48
N ALA E 108 35.64 34.29 -4.57
CA ALA E 108 36.28 34.75 -5.79
C ALA E 108 36.67 36.21 -5.56
N HIS E 109 37.86 36.57 -5.99
CA HIS E 109 38.39 37.92 -5.85
C HIS E 109 38.88 38.07 -4.41
N PRO E 110 40.19 38.18 -4.19
CA PRO E 110 40.70 38.37 -2.82
C PRO E 110 40.38 39.76 -2.27
N PHE E 111 40.62 39.93 -0.97
CA PHE E 111 40.59 41.24 -0.34
C PHE E 111 41.73 41.33 0.67
N SER E 112 41.99 42.56 1.13
CA SER E 112 43.09 42.87 2.03
C SER E 112 42.56 43.18 3.42
N HIS E 113 43.13 42.53 4.45
CA HIS E 113 42.69 42.77 5.81
C HIS E 113 43.81 43.45 6.58
N ASN E 114 44.75 42.71 7.15
CA ASN E 114 45.88 43.30 7.87
C ASN E 114 47.10 43.40 6.98
N ASN E 115 46.93 43.98 5.80
CA ASN E 115 47.96 44.01 4.77
C ASN E 115 48.30 42.59 4.33
N GLN E 116 47.35 41.67 4.48
CA GLN E 116 47.47 40.30 3.99
C GLN E 116 46.35 40.00 3.01
N THR E 117 46.71 39.35 1.90
CA THR E 117 45.71 38.96 0.93
C THR E 117 44.94 37.77 1.49
N VAL E 118 43.61 37.87 1.51
CA VAL E 118 42.76 36.84 2.08
C VAL E 118 41.60 36.57 1.14
N SER E 119 41.39 35.30 0.80
CA SER E 119 40.23 34.87 0.05
C SER E 119 39.31 33.95 0.84
N TRP E 120 39.71 33.56 2.04
CA TRP E 120 38.95 32.64 2.88
C TRP E 120 38.38 33.43 4.04
N ILE E 121 37.09 33.27 4.29
CA ILE E 121 36.39 34.01 5.34
C ILE E 121 35.58 33.03 6.17
N HIS E 122 35.44 33.32 7.45
CA HIS E 122 34.59 32.52 8.32
C HIS E 122 33.13 32.74 7.94
N ALA E 123 32.38 31.66 7.78
CA ALA E 123 30.95 31.80 7.57
C ALA E 123 30.31 32.24 8.89
N THR E 124 29.45 33.24 8.81
CA THR E 124 28.75 33.72 9.99
C THR E 124 27.32 33.17 10.03
N PRO E 125 26.82 32.72 11.17
CA PRO E 125 25.44 32.21 11.21
C PRO E 125 24.41 33.32 11.00
N THR E 126 23.35 33.01 10.25
CA THR E 126 22.31 34.01 9.98
C THR E 126 21.62 34.43 11.28
N TYR E 127 21.24 33.47 12.10
CA TYR E 127 20.69 33.75 13.42
C TYR E 127 21.50 33.03 14.49
N PRO E 128 21.58 33.60 15.69
CA PRO E 128 22.55 33.07 16.68
C PRO E 128 22.36 31.61 17.04
N ALA E 129 21.13 31.11 17.06
CA ALA E 129 20.86 29.75 17.48
C ALA E 129 21.00 28.74 16.35
N ALA E 130 21.55 29.15 15.21
CA ALA E 130 21.56 28.27 14.04
C ALA E 130 22.38 27.01 14.26
N ILE E 131 21.92 25.92 13.65
CA ILE E 131 22.63 24.64 13.67
C ILE E 131 23.59 24.68 12.49
N VAL E 132 24.84 25.07 12.74
CA VAL E 132 25.76 25.34 11.64
C VAL E 132 27.21 24.92 11.90
N THR E 133 27.41 23.98 12.81
CA THR E 133 28.75 23.54 13.17
C THR E 133 28.81 22.02 13.13
N LEU E 134 29.94 21.48 12.71
CA LEU E 134 30.12 20.05 12.58
C LEU E 134 31.23 19.59 13.52
N ARG E 135 31.20 18.30 13.85
CA ARG E 135 32.27 17.69 14.60
C ARG E 135 32.34 16.21 14.25
N THR E 136 33.50 15.62 14.51
CA THR E 136 33.73 14.20 14.38
C THR E 136 34.27 13.67 15.70
N ALA E 137 34.28 12.35 15.85
CA ALA E 137 34.85 11.75 17.04
C ALA E 137 36.30 12.21 17.20
N SER E 138 36.72 12.40 18.45
CA SER E 138 38.08 12.86 18.72
C SER E 138 39.05 11.69 18.80
N ASN F 11 -26.54 9.19 -37.16
CA ASN F 11 -27.40 8.31 -36.38
C ASN F 11 -26.62 7.55 -35.31
N PRO F 12 -27.23 7.37 -34.14
CA PRO F 12 -26.51 6.74 -33.03
C PRO F 12 -26.11 5.30 -33.35
N THR F 13 -24.92 4.92 -32.91
CA THR F 13 -24.39 3.58 -33.08
C THR F 13 -23.88 3.10 -31.72
N VAL F 14 -24.16 1.84 -31.40
CA VAL F 14 -23.85 1.27 -30.10
C VAL F 14 -22.76 0.22 -30.26
N THR F 15 -21.67 0.38 -29.51
CA THR F 15 -20.55 -0.55 -29.51
C THR F 15 -20.61 -1.55 -28.37
N GLY F 16 -21.06 -1.14 -27.19
CA GLY F 16 -21.10 -2.02 -26.04
C GLY F 16 -22.04 -1.51 -24.99
N VAL F 17 -22.44 -2.42 -24.10
CA VAL F 17 -23.37 -2.12 -23.02
C VAL F 17 -22.80 -2.71 -21.73
N ILE F 18 -22.61 -1.85 -20.74
CA ILE F 18 -22.02 -2.26 -19.47
C ILE F 18 -23.05 -2.13 -18.37
N PRO F 19 -23.70 -3.22 -17.95
CA PRO F 19 -24.60 -3.16 -16.80
C PRO F 19 -23.84 -3.27 -15.48
N SER F 20 -24.34 -2.57 -14.47
CA SER F 20 -23.74 -2.63 -13.14
C SER F 20 -23.92 -4.00 -12.50
N GLU F 21 -24.92 -4.77 -12.91
CA GLU F 21 -25.12 -6.14 -12.47
C GLU F 21 -25.54 -6.99 -13.66
N PHE F 22 -24.94 -8.18 -13.80
CA PHE F 22 -25.39 -9.09 -14.83
C PHE F 22 -25.22 -10.56 -14.38
N ILE F 23 -25.98 -11.43 -15.06
CA ILE F 23 -26.14 -12.80 -14.65
C ILE F 23 -25.30 -13.75 -15.51
N SER F 24 -25.24 -13.50 -16.80
CA SER F 24 -24.60 -14.41 -17.73
C SER F 24 -24.41 -13.67 -19.04
N LEU F 25 -23.71 -14.32 -19.96
CA LEU F 25 -23.44 -13.80 -21.29
C LEU F 25 -23.64 -14.93 -22.29
N SER F 26 -24.32 -14.65 -23.40
CA SER F 26 -24.57 -15.69 -24.39
C SER F 26 -24.85 -15.06 -25.75
N ALA F 27 -24.02 -15.36 -26.74
CA ALA F 27 -24.30 -15.04 -28.13
C ALA F 27 -24.58 -13.55 -28.31
N GLY F 28 -23.85 -12.72 -27.58
CA GLY F 28 -24.05 -11.29 -27.67
C GLY F 28 -25.25 -10.76 -26.90
N VAL F 29 -25.71 -11.47 -25.88
CA VAL F 29 -26.83 -11.05 -25.05
C VAL F 29 -26.44 -11.21 -23.59
N ILE F 30 -26.60 -10.14 -22.82
CA ILE F 30 -26.27 -10.12 -21.40
C ILE F 30 -27.56 -10.21 -20.60
N GLU F 31 -27.67 -11.26 -19.77
CA GLU F 31 -28.81 -11.38 -18.86
C GLU F 31 -28.60 -10.48 -17.66
N VAL F 32 -29.64 -9.75 -17.29
CA VAL F 32 -29.57 -8.79 -16.18
C VAL F 32 -30.70 -9.07 -15.20
N PRO F 33 -30.56 -8.65 -13.95
CA PRO F 33 -31.61 -8.90 -12.95
C PRO F 33 -32.88 -8.17 -13.32
N PRO F 34 -34.02 -8.86 -13.32
CA PRO F 34 -35.30 -8.18 -13.55
C PRO F 34 -35.77 -7.43 -12.31
N ASN F 35 -36.59 -6.42 -12.56
CA ASN F 35 -37.27 -5.68 -11.50
C ASN F 35 -36.30 -5.13 -10.47
N LYS F 36 -35.07 -4.82 -10.89
CA LYS F 36 -34.06 -4.21 -10.04
C LYS F 36 -33.46 -2.98 -10.70
N ASN F 37 -33.18 -1.95 -9.90
CA ASN F 37 -32.42 -0.80 -10.39
C ASN F 37 -31.03 -1.27 -10.78
N ILE F 38 -30.69 -1.08 -12.04
CA ILE F 38 -29.34 -1.33 -12.52
C ILE F 38 -28.93 -0.11 -13.32
N THR F 39 -27.63 0.11 -13.39
CA THR F 39 -27.06 1.23 -14.12
C THR F 39 -26.46 0.72 -15.41
N LEU F 40 -26.79 1.36 -16.52
CA LEU F 40 -26.27 0.98 -17.83
C LEU F 40 -25.31 2.05 -18.31
N TYR F 41 -24.13 1.60 -18.72
CA TYR F 41 -23.17 2.41 -19.42
C TYR F 41 -23.13 1.91 -20.86
N ILE F 42 -23.60 2.74 -21.78
CA ILE F 42 -23.69 2.39 -23.19
C ILE F 42 -22.62 3.16 -23.92
N TYR F 43 -21.75 2.44 -24.61
CA TYR F 43 -20.68 3.04 -25.40
C TYR F 43 -20.98 2.92 -26.87
N GLY F 44 -20.65 3.99 -27.60
CA GLY F 44 -20.97 4.08 -29.01
C GLY F 44 -20.66 5.48 -29.50
N GLU F 45 -21.25 5.84 -30.63
CA GLU F 45 -20.88 7.06 -31.32
C GLU F 45 -22.13 7.72 -31.88
N SER F 46 -22.08 9.05 -31.98
CA SER F 46 -23.20 9.85 -32.49
C SER F 46 -24.36 9.88 -31.49
N PHE F 47 -24.02 9.96 -30.20
CA PHE F 47 -24.98 10.06 -29.11
C PHE F 47 -25.46 11.49 -28.91
N GLU F 48 -25.19 12.36 -29.89
CA GLU F 48 -25.34 13.79 -29.71
C GLU F 48 -26.79 14.20 -29.47
N ASN F 49 -27.69 13.79 -30.37
CA ASN F 49 -29.09 14.17 -30.29
C ASN F 49 -29.95 13.16 -29.53
N VAL F 50 -29.35 12.26 -28.76
CA VAL F 50 -30.10 11.23 -28.05
C VAL F 50 -30.52 11.78 -26.70
N THR F 51 -31.82 11.74 -26.43
CA THR F 51 -32.41 12.30 -25.21
C THR F 51 -32.88 11.24 -24.23
N TYR F 52 -33.43 10.13 -24.72
CA TYR F 52 -33.98 9.10 -23.86
C TYR F 52 -33.58 7.73 -24.39
N LEU F 53 -33.66 6.75 -23.49
CA LEU F 53 -33.41 5.36 -23.78
C LEU F 53 -34.64 4.54 -23.44
N ALA F 54 -34.99 3.61 -24.34
CA ALA F 54 -36.02 2.62 -24.08
C ALA F 54 -35.62 1.33 -24.76
N PHE F 55 -36.42 0.28 -24.54
CA PHE F 55 -36.13 -1.03 -25.10
C PHE F 55 -37.34 -1.57 -25.86
N ALA F 56 -37.07 -2.25 -26.95
CA ALA F 56 -38.06 -3.01 -27.70
C ALA F 56 -37.90 -4.50 -27.41
N THR F 57 -38.99 -5.24 -27.54
CA THR F 57 -38.99 -6.68 -27.34
C THR F 57 -38.90 -7.45 -28.64
N SER F 58 -38.87 -6.77 -29.78
CA SER F 58 -38.79 -7.41 -31.09
C SER F 58 -38.05 -6.48 -32.04
N ARG F 59 -37.07 -7.02 -32.77
CA ARG F 59 -36.27 -6.23 -33.70
C ARG F 59 -36.13 -6.95 -35.03
N SER F 60 -36.54 -6.30 -36.10
CA SER F 60 -36.15 -6.68 -37.44
C SER F 60 -34.84 -5.96 -37.79
N GLU F 61 -33.99 -6.62 -38.58
CA GLU F 61 -32.75 -5.99 -39.00
C GLU F 61 -33.02 -4.72 -39.80
N ASP F 62 -34.04 -4.73 -40.66
CA ASP F 62 -34.48 -3.52 -41.36
C ASP F 62 -35.50 -2.76 -40.52
N SER F 63 -35.05 -2.41 -39.32
CA SER F 63 -35.85 -1.69 -38.34
C SER F 63 -35.23 -0.32 -38.17
N PHE F 64 -36.07 0.72 -38.26
CA PHE F 64 -35.61 2.07 -38.03
C PHE F 64 -36.41 2.76 -36.93
N SER F 65 -37.74 2.65 -36.98
CA SER F 65 -38.59 3.29 -36.00
C SER F 65 -38.90 2.33 -34.86
N CYS F 66 -38.57 2.74 -33.63
CA CYS F 66 -39.04 2.05 -32.44
C CYS F 66 -40.36 2.64 -31.98
N GLU F 67 -40.95 3.53 -32.78
CA GLU F 67 -42.12 4.27 -32.34
C GLU F 67 -43.21 3.29 -31.94
N ASN F 68 -43.39 2.22 -32.72
CA ASN F 68 -44.38 1.20 -32.41
C ASN F 68 -43.81 -0.01 -31.67
N HIS F 69 -42.50 -0.27 -31.79
CA HIS F 69 -41.91 -1.46 -31.16
C HIS F 69 -41.48 -1.21 -29.72
N ARG F 70 -41.42 0.05 -29.30
CA ARG F 70 -40.99 0.39 -27.96
C ARG F 70 -41.88 -0.32 -26.94
N ALA F 71 -41.25 -1.04 -26.01
CA ALA F 71 -41.99 -1.84 -25.03
C ALA F 71 -41.74 -1.48 -23.58
N THR F 72 -40.94 -0.46 -23.28
CA THR F 72 -40.64 -0.09 -21.91
C THR F 72 -40.84 1.40 -21.73
N ILE F 73 -40.95 1.82 -20.47
CA ILE F 73 -40.98 3.24 -20.19
C ILE F 73 -39.64 3.86 -20.61
N ALA F 74 -39.65 5.18 -20.79
CA ALA F 74 -38.46 5.90 -21.20
C ALA F 74 -37.55 6.15 -20.00
N PHE F 75 -36.25 5.96 -20.21
CA PHE F 75 -35.25 6.24 -19.20
C PHE F 75 -34.38 7.41 -19.65
N ILE F 76 -34.28 8.43 -18.80
CA ILE F 76 -33.46 9.59 -19.13
C ILE F 76 -32.00 9.18 -19.09
N VAL F 77 -31.20 9.70 -20.03
CA VAL F 77 -29.81 9.32 -20.16
C VAL F 77 -28.94 10.55 -19.88
N GLN F 78 -27.91 10.35 -19.07
CA GLN F 78 -26.83 11.32 -18.90
C GLN F 78 -25.72 11.03 -19.90
N LYS F 79 -24.93 12.06 -20.19
CA LYS F 79 -23.90 12.03 -21.21
C LYS F 79 -22.54 12.39 -20.64
N PRO F 80 -21.98 11.54 -19.78
CA PRO F 80 -20.66 11.88 -19.19
C PRO F 80 -19.59 12.15 -20.23
N THR F 81 -19.68 11.56 -21.43
CA THR F 81 -18.68 11.74 -22.47
C THR F 81 -19.38 11.69 -23.83
N VAL F 82 -18.61 12.04 -24.88
CA VAL F 82 -19.16 12.01 -26.23
C VAL F 82 -19.34 10.59 -26.74
N TYR F 83 -18.73 9.60 -26.10
CA TYR F 83 -18.82 8.22 -26.54
C TYR F 83 -19.66 7.33 -25.64
N SER F 84 -20.24 7.87 -24.57
CA SER F 84 -20.90 7.05 -23.57
C SER F 84 -22.23 7.66 -23.16
N LEU F 85 -23.13 6.80 -22.69
CA LEU F 85 -24.38 7.19 -22.06
C LEU F 85 -24.49 6.50 -20.71
N GLU F 86 -24.98 7.24 -19.72
CA GLU F 86 -25.25 6.70 -18.40
C GLU F 86 -26.73 6.84 -18.11
N THR F 87 -27.35 5.75 -17.65
CA THR F 87 -28.76 5.76 -17.34
C THR F 87 -29.05 4.68 -16.31
N SER F 88 -30.07 4.92 -15.49
CA SER F 88 -30.56 3.93 -14.54
C SER F 88 -31.84 3.33 -15.10
N VAL F 89 -31.88 2.00 -15.19
CA VAL F 89 -33.01 1.29 -15.79
C VAL F 89 -33.48 0.21 -14.85
N LEU F 90 -34.75 -0.16 -15.02
CA LEU F 90 -35.35 -1.29 -14.33
C LEU F 90 -36.12 -2.10 -15.37
N LEU F 91 -35.73 -3.35 -15.55
CA LEU F 91 -36.24 -4.18 -16.63
C LEU F 91 -37.17 -5.25 -16.09
N ARG F 92 -38.30 -5.41 -16.76
CA ARG F 92 -39.34 -6.35 -16.38
C ARG F 92 -39.07 -7.71 -17.00
N GLN F 93 -39.22 -8.75 -16.20
CA GLN F 93 -39.25 -10.12 -16.71
C GLN F 93 -39.93 -10.17 -18.08
N LEU F 94 -39.22 -10.69 -19.08
CA LEU F 94 -39.76 -10.81 -20.42
C LEU F 94 -40.97 -11.74 -20.46
N THR F 95 -41.79 -11.57 -21.50
CA THR F 95 -42.90 -12.47 -21.75
C THR F 95 -42.39 -13.69 -22.50
N PRO F 96 -43.22 -14.75 -22.60
CA PRO F 96 -42.79 -15.94 -23.36
C PRO F 96 -42.60 -15.69 -24.85
N PHE F 97 -43.25 -14.68 -25.41
CA PHE F 97 -43.22 -14.42 -26.84
C PHE F 97 -42.09 -13.48 -27.22
N GLU F 98 -41.45 -12.85 -26.24
CA GLU F 98 -40.40 -11.88 -26.46
C GLU F 98 -39.04 -12.55 -26.30
N SER F 99 -38.12 -12.24 -27.22
CA SER F 99 -36.81 -12.86 -27.21
C SER F 99 -35.80 -12.13 -26.33
N ALA F 100 -35.73 -10.80 -26.44
CA ALA F 100 -34.72 -10.04 -25.72
C ALA F 100 -35.11 -8.57 -25.69
N PHE F 101 -34.31 -7.77 -24.98
CA PHE F 101 -34.46 -6.33 -24.94
C PHE F 101 -33.46 -5.69 -25.88
N TYR F 102 -33.97 -4.98 -26.89
CA TYR F 102 -33.17 -4.28 -27.88
C TYR F 102 -33.24 -2.78 -27.64
N ILE F 103 -32.07 -2.12 -27.73
CA ILE F 103 -31.99 -0.71 -27.38
C ILE F 103 -32.71 0.14 -28.39
N CYS F 104 -33.44 1.15 -27.91
CA CYS F 104 -34.05 2.19 -28.73
C CYS F 104 -33.59 3.54 -28.21
N PHE F 105 -33.45 4.50 -29.11
CA PHE F 105 -33.05 5.85 -28.72
C PHE F 105 -34.11 6.84 -29.18
N LYS F 106 -34.44 7.79 -28.31
CA LYS F 106 -35.26 8.93 -28.70
C LYS F 106 -34.34 10.08 -29.09
N LEU F 107 -34.64 10.71 -30.21
CA LEU F 107 -33.85 11.80 -30.73
C LEU F 107 -34.43 13.14 -30.26
N ALA F 108 -33.54 14.11 -30.07
CA ALA F 108 -33.97 15.43 -29.61
C ALA F 108 -34.80 16.17 -30.64
N HIS F 109 -34.80 15.73 -31.89
CA HIS F 109 -35.60 16.35 -32.93
C HIS F 109 -36.19 15.30 -33.87
N PRO F 110 -37.52 15.23 -33.96
CA PRO F 110 -38.18 14.21 -34.78
C PRO F 110 -37.84 14.34 -36.25
N PHE F 111 -38.19 13.30 -37.00
CA PHE F 111 -38.11 13.35 -38.44
C PHE F 111 -39.28 12.58 -39.05
N SER F 112 -39.51 12.82 -40.34
CA SER F 112 -40.56 12.17 -41.11
C SER F 112 -39.90 11.27 -42.14
N HIS F 113 -40.25 9.99 -42.14
CA HIS F 113 -39.67 9.06 -43.11
C HIS F 113 -40.69 8.50 -44.08
N ASN F 114 -41.97 8.42 -43.70
CA ASN F 114 -43.03 7.97 -44.58
C ASN F 114 -44.32 8.71 -44.23
N ASN F 115 -44.24 10.03 -44.13
CA ASN F 115 -45.34 10.88 -43.69
C ASN F 115 -45.82 10.57 -42.27
N GLN F 116 -44.97 9.96 -41.45
CA GLN F 116 -45.24 9.83 -40.01
C GLN F 116 -44.10 10.40 -39.21
N THR F 117 -44.43 11.18 -38.19
CA THR F 117 -43.41 11.75 -37.31
C THR F 117 -42.90 10.67 -36.35
N VAL F 118 -41.58 10.51 -36.29
CA VAL F 118 -40.95 9.50 -35.46
C VAL F 118 -39.78 10.14 -34.73
N SER F 119 -39.74 9.95 -33.41
CA SER F 119 -38.60 10.37 -32.60
C SER F 119 -37.85 9.19 -32.01
N TRP F 120 -38.39 7.98 -32.16
CA TRP F 120 -37.80 6.78 -31.58
C TRP F 120 -37.20 5.95 -32.70
N ILE F 121 -35.94 5.56 -32.51
CA ILE F 121 -35.18 4.83 -33.52
C ILE F 121 -34.47 3.65 -32.88
N HIS F 122 -34.33 2.57 -33.66
CA HIS F 122 -33.51 1.45 -33.22
C HIS F 122 -32.04 1.82 -33.24
N ALA F 123 -31.33 1.50 -32.17
CA ALA F 123 -29.88 1.69 -32.14
C ALA F 123 -29.20 0.70 -33.07
N THR F 124 -28.21 1.18 -33.80
CA THR F 124 -27.47 0.34 -34.73
C THR F 124 -26.14 -0.10 -34.12
N PRO F 125 -25.76 -1.38 -34.24
CA PRO F 125 -24.46 -1.79 -33.69
C PRO F 125 -23.34 -1.18 -34.51
N THR F 126 -22.28 -0.73 -33.81
CA THR F 126 -21.16 -0.12 -34.52
C THR F 126 -20.49 -1.15 -35.41
N TYR F 127 -20.20 -2.33 -34.87
CA TYR F 127 -19.75 -3.49 -35.63
C TYR F 127 -20.62 -4.68 -35.26
N PRO F 128 -20.85 -5.59 -36.20
CA PRO F 128 -21.85 -6.65 -35.96
C PRO F 128 -21.59 -7.51 -34.74
N ALA F 129 -20.34 -7.70 -34.33
CA ALA F 129 -20.03 -8.61 -33.24
C ALA F 129 -20.19 -7.96 -31.87
N ALA F 130 -20.69 -6.72 -31.81
CA ALA F 130 -20.82 -6.03 -30.53
C ALA F 130 -21.87 -6.70 -29.66
N ILE F 131 -21.62 -6.73 -28.36
CA ILE F 131 -22.58 -7.24 -27.39
C ILE F 131 -23.43 -6.05 -26.98
N VAL F 132 -24.63 -5.96 -27.54
CA VAL F 132 -25.45 -4.76 -27.42
C VAL F 132 -26.91 -5.12 -27.14
N THR F 133 -27.15 -6.31 -26.58
CA THR F 133 -28.50 -6.78 -26.32
C THR F 133 -28.64 -7.27 -24.88
N LEU F 134 -29.85 -7.08 -24.33
CA LEU F 134 -30.17 -7.50 -22.99
C LEU F 134 -31.30 -8.53 -22.98
N ARG F 135 -31.36 -9.27 -21.88
CA ARG F 135 -32.49 -10.16 -21.62
C ARG F 135 -32.63 -10.34 -20.11
N THR F 136 -33.84 -10.70 -19.71
CA THR F 136 -34.16 -11.04 -18.34
C THR F 136 -34.85 -12.40 -18.34
N ALA F 137 -35.01 -12.97 -17.15
CA ALA F 137 -35.74 -14.23 -17.02
C ALA F 137 -37.10 -14.08 -17.67
N SER F 138 -37.57 -15.15 -18.30
CA SER F 138 -38.86 -15.10 -18.99
C SER F 138 -40.01 -15.40 -18.03
N ASN G 11 -41.11 -6.52 7.23
CA ASN G 11 -40.99 -7.01 8.61
C ASN G 11 -39.82 -6.32 9.32
N PRO G 12 -40.00 -5.99 10.60
CA PRO G 12 -38.96 -5.22 11.30
C PRO G 12 -37.66 -5.99 11.40
N THR G 13 -36.56 -5.29 11.21
CA THR G 13 -35.22 -5.86 11.30
C THR G 13 -34.34 -4.94 12.13
N VAL G 14 -33.54 -5.52 13.01
CA VAL G 14 -32.73 -4.79 13.98
C VAL G 14 -31.25 -4.94 13.64
N THR G 15 -30.55 -3.82 13.52
CA THR G 15 -29.12 -3.83 13.23
C THR G 15 -28.27 -3.75 14.49
N GLY G 16 -28.69 -2.95 15.47
CA GLY G 16 -27.91 -2.79 16.68
C GLY G 16 -28.75 -2.22 17.80
N VAL G 17 -28.27 -2.43 19.02
CA VAL G 17 -28.94 -1.97 20.23
C VAL G 17 -27.91 -1.39 21.17
N ILE G 18 -28.09 -0.12 21.55
CA ILE G 18 -27.21 0.56 22.50
C ILE G 18 -28.03 0.87 23.74
N PRO G 19 -27.80 0.17 24.85
CA PRO G 19 -28.50 0.50 26.10
C PRO G 19 -27.91 1.74 26.75
N SER G 20 -28.78 2.48 27.44
CA SER G 20 -28.31 3.67 28.13
C SER G 20 -27.35 3.33 29.26
N GLU G 21 -27.44 2.12 29.80
CA GLU G 21 -26.49 1.61 30.79
C GLU G 21 -26.23 0.15 30.47
N PHE G 22 -24.94 -0.24 30.50
CA PHE G 22 -24.64 -1.66 30.43
C PHE G 22 -23.36 -1.95 31.23
N ILE G 23 -23.21 -3.24 31.52
CA ILE G 23 -22.17 -3.72 32.41
C ILE G 23 -21.01 -4.32 31.63
N SER G 24 -21.31 -5.03 30.55
CA SER G 24 -20.31 -5.76 29.79
C SER G 24 -20.96 -6.20 28.51
N LEU G 25 -20.16 -6.78 27.63
CA LEU G 25 -20.61 -7.38 26.39
C LEU G 25 -19.85 -8.69 26.21
N SER G 26 -20.56 -9.73 25.79
CA SER G 26 -19.96 -11.05 25.63
C SER G 26 -20.72 -11.83 24.58
N ALA G 27 -20.01 -12.27 23.54
CA ALA G 27 -20.55 -13.19 22.55
C ALA G 27 -21.78 -12.62 21.86
N GLY G 28 -21.77 -11.31 21.60
CA GLY G 28 -22.89 -10.67 20.94
C GLY G 28 -24.09 -10.46 21.83
N VAL G 29 -23.90 -10.42 23.14
CA VAL G 29 -24.97 -10.21 24.11
C VAL G 29 -24.50 -9.14 25.09
N ILE G 30 -25.35 -8.14 25.31
CA ILE G 30 -25.02 -7.01 26.16
C ILE G 30 -25.66 -7.22 27.53
N GLU G 31 -24.85 -7.29 28.58
CA GLU G 31 -25.39 -7.37 29.93
C GLU G 31 -25.84 -5.99 30.39
N VAL G 32 -27.05 -5.94 30.96
CA VAL G 32 -27.61 -4.69 31.45
C VAL G 32 -28.00 -4.90 32.91
N PRO G 33 -28.13 -3.82 33.67
CA PRO G 33 -28.48 -3.95 35.08
C PRO G 33 -29.87 -4.54 35.25
N PRO G 34 -30.03 -5.55 36.10
CA PRO G 34 -31.36 -6.09 36.36
C PRO G 34 -32.16 -5.18 37.27
N ASN G 35 -33.49 -5.26 37.14
CA ASN G 35 -34.39 -4.56 38.04
C ASN G 35 -34.08 -3.07 38.09
N LYS G 36 -33.55 -2.53 36.98
CA LYS G 36 -33.32 -1.10 36.85
C LYS G 36 -33.99 -0.65 35.56
N ASN G 37 -34.71 0.47 35.64
CA ASN G 37 -35.26 1.12 34.47
C ASN G 37 -34.13 1.70 33.61
N ILE G 38 -33.99 1.20 32.38
CA ILE G 38 -33.01 1.70 31.43
C ILE G 38 -33.66 1.92 30.07
N THR G 39 -33.01 2.76 29.25
CA THR G 39 -33.49 3.12 27.93
C THR G 39 -32.66 2.44 26.86
N LEU G 40 -33.34 1.85 25.87
CA LEU G 40 -32.73 1.17 24.74
C LEU G 40 -32.92 1.97 23.47
N TYR G 41 -31.85 2.11 22.69
CA TYR G 41 -31.88 2.73 21.37
C TYR G 41 -31.71 1.61 20.36
N ILE G 42 -32.77 1.31 19.61
CA ILE G 42 -32.80 0.19 18.68
C ILE G 42 -32.79 0.76 17.26
N TYR G 43 -31.78 0.35 16.49
CA TYR G 43 -31.60 0.81 15.12
C TYR G 43 -31.91 -0.34 14.18
N GLY G 44 -32.56 -0.04 13.05
CA GLY G 44 -32.99 -1.10 12.16
C GLY G 44 -33.91 -0.57 11.08
N GLU G 45 -34.68 -1.49 10.49
CA GLU G 45 -35.45 -1.21 9.30
C GLU G 45 -36.82 -1.86 9.39
N SER G 46 -37.82 -1.21 8.77
CA SER G 46 -39.21 -1.69 8.76
C SER G 46 -39.85 -1.59 10.14
N PHE G 47 -39.51 -0.53 10.89
CA PHE G 47 -40.05 -0.27 12.20
C PHE G 47 -41.40 0.42 12.13
N GLU G 48 -41.98 0.50 10.93
CA GLU G 48 -43.11 1.42 10.74
C GLU G 48 -44.35 0.99 11.50
N ASN G 49 -44.75 -0.26 11.38
CA ASN G 49 -45.94 -0.79 12.02
C ASN G 49 -45.72 -1.35 13.44
N VAL G 50 -44.59 -1.03 14.06
CA VAL G 50 -44.26 -1.55 15.38
C VAL G 50 -44.80 -0.59 16.43
N THR G 51 -45.61 -1.12 17.35
CA THR G 51 -46.24 -0.32 18.40
C THR G 51 -45.62 -0.54 19.77
N TYR G 52 -45.21 -1.78 20.05
CA TYR G 52 -44.67 -2.14 21.35
C TYR G 52 -43.47 -3.05 21.17
N LEU G 53 -42.65 -3.09 22.21
CA LEU G 53 -41.48 -3.97 22.26
C LEU G 53 -41.61 -4.85 23.49
N ALA G 54 -41.24 -6.12 23.33
CA ALA G 54 -41.16 -7.06 24.43
C ALA G 54 -39.99 -7.98 24.17
N PHE G 55 -39.70 -8.85 25.14
CA PHE G 55 -38.60 -9.78 25.04
C PHE G 55 -39.08 -11.20 25.28
N ALA G 56 -38.51 -12.13 24.52
CA ALA G 56 -38.63 -13.56 24.76
C ALA G 56 -37.31 -14.07 25.33
N THR G 57 -37.38 -15.16 26.09
CA THR G 57 -36.20 -15.80 26.65
C THR G 57 -35.72 -16.97 25.80
N SER G 58 -36.37 -17.24 24.67
CA SER G 58 -35.98 -18.34 23.81
C SER G 58 -36.23 -17.96 22.36
N ARG G 59 -35.23 -18.17 21.51
CA ARG G 59 -35.36 -17.88 20.09
C ARG G 59 -34.76 -19.04 19.30
N SER G 60 -35.57 -19.66 18.45
CA SER G 60 -35.04 -20.52 17.40
C SER G 60 -34.75 -19.66 16.18
N GLU G 61 -33.72 -20.04 15.42
CA GLU G 61 -33.45 -19.30 14.20
C GLU G 61 -34.67 -19.31 13.29
N ASP G 62 -35.43 -20.40 13.29
CA ASP G 62 -36.71 -20.48 12.58
C ASP G 62 -37.84 -19.97 13.46
N SER G 63 -37.70 -18.75 13.97
CA SER G 63 -38.68 -18.13 14.84
C SER G 63 -39.25 -16.89 14.18
N PHE G 64 -40.57 -16.80 14.14
CA PHE G 64 -41.23 -15.60 13.64
C PHE G 64 -42.24 -15.05 14.65
N SER G 65 -43.08 -15.94 15.20
CA SER G 65 -44.15 -15.54 16.10
C SER G 65 -43.69 -15.56 17.55
N CYS G 66 -43.79 -14.41 18.22
CA CYS G 66 -43.55 -14.27 19.65
C CYS G 66 -44.82 -14.30 20.47
N GLU G 67 -45.97 -14.64 19.88
CA GLU G 67 -47.24 -14.44 20.57
C GLU G 67 -47.24 -15.17 21.92
N ASN G 68 -46.74 -16.39 21.95
CA ASN G 68 -46.65 -17.19 23.16
C ASN G 68 -45.28 -17.18 23.84
N HIS G 69 -44.22 -16.76 23.14
CA HIS G 69 -42.87 -16.84 23.70
C HIS G 69 -42.52 -15.67 24.62
N ARG G 70 -43.35 -14.64 24.65
CA ARG G 70 -43.11 -13.43 25.43
C ARG G 70 -42.90 -13.71 26.91
N ALA G 71 -41.85 -13.13 27.46
CA ALA G 71 -41.51 -13.28 28.87
C ALA G 71 -41.55 -11.95 29.63
N THR G 72 -41.90 -10.85 28.96
CA THR G 72 -41.96 -9.55 29.61
C THR G 72 -43.27 -8.85 29.23
N ILE G 73 -43.62 -7.85 30.05
CA ILE G 73 -44.71 -6.96 29.69
C ILE G 73 -44.30 -6.17 28.44
N ALA G 74 -45.29 -5.59 27.79
CA ALA G 74 -45.02 -4.77 26.61
C ALA G 74 -44.56 -3.39 27.05
N PHE G 75 -43.54 -2.88 26.36
CA PHE G 75 -43.00 -1.55 26.62
C PHE G 75 -43.34 -0.65 25.43
N ILE G 76 -43.92 0.51 25.71
CA ILE G 76 -44.22 1.43 24.62
C ILE G 76 -42.91 1.90 23.99
N VAL G 77 -42.92 2.01 22.68
CA VAL G 77 -41.72 2.38 21.92
C VAL G 77 -41.98 3.73 21.29
N GLN G 78 -41.02 4.64 21.43
CA GLN G 78 -41.06 5.89 20.71
C GLN G 78 -40.35 5.70 19.37
N LYS G 79 -40.72 6.55 18.41
CA LYS G 79 -40.19 6.45 17.05
C LYS G 79 -39.60 7.79 16.63
N PRO G 80 -38.52 8.22 17.27
CA PRO G 80 -37.87 9.46 16.85
C PRO G 80 -37.49 9.44 15.40
N THR G 81 -37.31 8.24 14.83
CA THR G 81 -36.89 8.11 13.46
C THR G 81 -37.48 6.85 12.85
N VAL G 82 -37.38 6.77 11.52
CA VAL G 82 -37.74 5.59 10.75
C VAL G 82 -36.69 4.49 10.87
N TYR G 83 -35.47 4.84 11.32
CA TYR G 83 -34.39 3.87 11.49
C TYR G 83 -34.09 3.58 12.95
N SER G 84 -34.80 4.21 13.88
CA SER G 84 -34.49 4.05 15.30
C SER G 84 -35.79 3.87 16.08
N LEU G 85 -35.69 3.13 17.17
CA LEU G 85 -36.73 3.00 18.18
C LEU G 85 -36.08 3.24 19.52
N GLU G 86 -36.73 4.02 20.37
CA GLU G 86 -36.28 4.26 21.73
C GLU G 86 -37.36 3.80 22.69
N THR G 87 -36.97 3.05 23.71
CA THR G 87 -37.91 2.48 24.65
C THR G 87 -37.27 2.40 26.01
N SER G 88 -38.08 2.52 27.06
CA SER G 88 -37.63 2.34 28.42
C SER G 88 -38.09 0.97 28.90
N VAL G 89 -37.15 0.13 29.33
CA VAL G 89 -37.44 -1.23 29.75
C VAL G 89 -36.80 -1.48 31.10
N LEU G 90 -37.36 -2.45 31.81
CA LEU G 90 -36.79 -2.95 33.06
C LEU G 90 -36.82 -4.46 32.99
N LEU G 91 -35.65 -5.09 33.02
CA LEU G 91 -35.53 -6.52 32.79
C LEU G 91 -35.18 -7.21 34.11
N ARG G 92 -35.91 -8.27 34.40
CA ARG G 92 -35.86 -8.98 35.67
C ARG G 92 -34.83 -10.08 35.66
N GLN G 93 -33.59 -9.75 36.05
CA GLN G 93 -32.59 -10.76 36.40
C GLN G 93 -32.88 -12.13 35.79
N LEU G 94 -32.22 -12.48 34.69
CA LEU G 94 -32.47 -13.79 34.09
C LEU G 94 -32.13 -14.90 35.07
N THR G 95 -32.74 -16.06 34.84
CA THR G 95 -32.41 -17.24 35.61
C THR G 95 -31.13 -17.84 35.05
N PRO G 96 -30.52 -18.79 35.74
CA PRO G 96 -29.29 -19.40 35.20
C PRO G 96 -29.51 -20.14 33.90
N PHE G 97 -30.73 -20.60 33.62
CA PHE G 97 -31.01 -21.36 32.41
C PHE G 97 -31.44 -20.52 31.24
N GLU G 98 -31.73 -19.24 31.45
CA GLU G 98 -32.15 -18.38 30.35
C GLU G 98 -30.90 -17.75 29.80
N SER G 99 -30.76 -17.78 28.48
CA SER G 99 -29.53 -17.33 27.85
C SER G 99 -29.54 -15.81 27.65
N ALA G 100 -30.64 -15.28 27.15
CA ALA G 100 -30.71 -13.88 26.84
C ALA G 100 -32.17 -13.46 26.68
N PHE G 101 -32.36 -12.17 26.51
CA PHE G 101 -33.65 -11.59 26.15
C PHE G 101 -33.61 -11.30 24.67
N TYR G 102 -34.49 -11.93 23.91
CA TYR G 102 -34.55 -11.71 22.46
C TYR G 102 -35.75 -10.82 22.14
N ILE G 103 -35.52 -9.84 21.28
CA ILE G 103 -36.50 -8.79 21.02
C ILE G 103 -37.70 -9.36 20.27
N CYS G 104 -38.90 -8.93 20.68
CA CYS G 104 -40.14 -9.20 19.99
C CYS G 104 -40.82 -7.87 19.72
N PHE G 105 -41.54 -7.79 18.60
CA PHE G 105 -42.27 -6.58 18.24
C PHE G 105 -43.75 -6.90 18.10
N LYS G 106 -44.60 -6.03 18.66
CA LYS G 106 -46.02 -6.11 18.42
C LYS G 106 -46.38 -5.18 17.27
N LEU G 107 -47.14 -5.69 16.32
CA LEU G 107 -47.50 -4.94 15.13
C LEU G 107 -48.86 -4.28 15.34
N ALA G 108 -49.05 -3.12 14.71
CA ALA G 108 -50.26 -2.34 14.90
C ALA G 108 -51.52 -3.02 14.40
N HIS G 109 -51.39 -4.03 13.54
CA HIS G 109 -52.56 -4.72 13.00
C HIS G 109 -52.27 -6.20 12.86
N PRO G 110 -53.13 -7.07 13.39
CA PRO G 110 -52.84 -8.50 13.31
C PRO G 110 -52.66 -8.95 11.87
N PHE G 111 -52.03 -10.11 11.73
CA PHE G 111 -51.82 -10.75 10.44
C PHE G 111 -51.95 -12.24 10.63
N SER G 112 -51.96 -12.99 9.53
CA SER G 112 -52.12 -14.43 9.58
C SER G 112 -50.78 -15.08 9.28
N HIS G 113 -50.24 -15.81 10.26
CA HIS G 113 -49.01 -16.57 10.09
C HIS G 113 -49.33 -18.04 10.30
N ASN G 114 -49.11 -18.83 9.26
CA ASN G 114 -49.36 -20.27 9.31
C ASN G 114 -50.74 -20.53 9.91
N ASN G 115 -51.72 -19.72 9.48
CA ASN G 115 -53.11 -19.82 9.90
C ASN G 115 -53.30 -19.67 11.41
N GLN G 116 -52.43 -18.90 12.04
CA GLN G 116 -52.63 -18.46 13.41
C GLN G 116 -52.61 -16.93 13.41
N THR G 117 -53.61 -16.31 14.04
CA THR G 117 -53.64 -14.86 14.09
C THR G 117 -52.63 -14.38 15.13
N VAL G 118 -51.74 -13.48 14.72
CA VAL G 118 -50.62 -13.06 15.56
C VAL G 118 -50.38 -11.57 15.42
N SER G 119 -50.13 -10.90 16.55
CA SER G 119 -49.70 -9.51 16.54
C SER G 119 -48.26 -9.34 17.03
N TRP G 120 -47.64 -10.39 17.58
CA TRP G 120 -46.29 -10.37 18.11
C TRP G 120 -45.36 -11.23 17.28
N ILE G 121 -44.21 -10.68 16.88
CA ILE G 121 -43.23 -11.38 16.07
C ILE G 121 -41.83 -11.16 16.60
N HIS G 122 -40.96 -12.15 16.35
CA HIS G 122 -39.55 -12.04 16.67
C HIS G 122 -38.85 -11.02 15.77
N ALA G 123 -37.97 -10.22 16.37
CA ALA G 123 -37.15 -9.31 15.58
C ALA G 123 -36.15 -10.11 14.75
N THR G 124 -35.99 -9.72 13.50
CA THR G 124 -35.04 -10.38 12.61
C THR G 124 -33.76 -9.58 12.54
N PRO G 125 -32.58 -10.20 12.67
CA PRO G 125 -31.34 -9.42 12.56
C PRO G 125 -31.10 -8.98 11.12
N THR G 126 -30.59 -7.76 10.96
CA THR G 126 -30.27 -7.28 9.61
C THR G 126 -29.19 -8.15 8.99
N TYR G 127 -28.15 -8.45 9.75
CA TYR G 127 -27.14 -9.43 9.39
C TYR G 127 -27.01 -10.43 10.53
N PRO G 128 -26.71 -11.70 10.23
CA PRO G 128 -26.75 -12.71 11.29
C PRO G 128 -25.84 -12.41 12.46
N ALA G 129 -24.75 -11.69 12.24
CA ALA G 129 -23.79 -11.39 13.30
C ALA G 129 -24.20 -10.19 14.14
N ALA G 130 -25.39 -9.66 13.92
CA ALA G 130 -25.84 -8.45 14.62
C ALA G 130 -26.02 -8.73 16.12
N ILE G 131 -25.74 -7.71 16.92
CA ILE G 131 -25.92 -7.77 18.36
C ILE G 131 -27.36 -7.34 18.64
N VAL G 132 -28.23 -8.31 18.93
CA VAL G 132 -29.66 -8.06 19.03
C VAL G 132 -30.23 -8.78 20.24
N THR G 133 -29.37 -9.12 21.20
CA THR G 133 -29.78 -9.86 22.38
C THR G 133 -29.20 -9.22 23.64
N LEU G 134 -29.97 -9.27 24.73
CA LEU G 134 -29.62 -8.71 26.01
C LEU G 134 -29.57 -9.79 27.07
N ARG G 135 -28.90 -9.50 28.19
CA ARG G 135 -28.93 -10.38 29.34
C ARG G 135 -28.79 -9.56 30.61
N THR G 136 -29.16 -10.18 31.73
CA THR G 136 -28.97 -9.61 33.05
C THR G 136 -28.20 -10.61 33.90
N ALA G 137 -27.67 -10.13 35.02
CA ALA G 137 -26.97 -11.01 35.95
C ALA G 137 -27.89 -12.14 36.40
N SER G 138 -27.33 -13.34 36.52
CA SER G 138 -28.10 -14.50 36.92
C SER G 138 -28.16 -14.61 38.44
N ASN H 11 42.05 -10.89 8.04
CA ASN H 11 41.93 -12.35 8.05
C ASN H 11 40.81 -12.80 7.11
N PRO H 12 41.00 -13.92 6.40
CA PRO H 12 39.99 -14.33 5.42
C PRO H 12 38.66 -14.61 6.10
N THR H 13 37.59 -14.20 5.44
CA THR H 13 36.23 -14.44 5.92
C THR H 13 35.38 -14.93 4.76
N VAL H 14 34.53 -15.91 5.02
CA VAL H 14 33.72 -16.54 3.98
C VAL H 14 32.27 -16.16 4.24
N THR H 15 31.62 -15.58 3.23
CA THR H 15 30.23 -15.15 3.28
C THR H 15 29.26 -16.18 2.72
N GLY H 16 29.67 -16.90 1.69
CA GLY H 16 28.78 -17.87 1.07
C GLY H 16 29.55 -18.92 0.32
N VAL H 17 28.88 -20.05 0.08
CA VAL H 17 29.47 -21.20 -0.57
C VAL H 17 28.51 -21.71 -1.63
N ILE H 18 28.97 -21.77 -2.88
CA ILE H 18 28.14 -22.25 -3.96
C ILE H 18 28.71 -23.58 -4.44
N PRO H 19 28.14 -24.71 -4.02
CA PRO H 19 28.54 -26.00 -4.60
C PRO H 19 27.86 -26.22 -5.94
N SER H 20 28.61 -26.85 -6.85
CA SER H 20 28.08 -27.12 -8.19
C SER H 20 26.97 -28.17 -8.15
N GLU H 21 26.98 -29.03 -7.14
CA GLU H 21 25.91 -29.98 -6.88
C GLU H 21 25.71 -30.03 -5.38
N PHE H 22 24.45 -29.98 -4.95
CA PHE H 22 24.14 -30.12 -3.53
C PHE H 22 22.80 -30.81 -3.39
N ILE H 23 22.61 -31.45 -2.24
CA ILE H 23 21.48 -32.33 -2.01
C ILE H 23 20.44 -31.71 -1.08
N SER H 24 20.86 -31.02 -0.05
CA SER H 24 19.91 -30.49 0.94
C SER H 24 20.60 -29.42 1.78
N LEU H 25 19.80 -28.73 2.59
CA LEU H 25 20.30 -27.69 3.47
C LEU H 25 19.60 -27.76 4.82
N SER H 26 20.38 -27.65 5.89
CA SER H 26 19.85 -27.71 7.25
C SER H 26 20.82 -27.01 8.18
N ALA H 27 20.35 -25.99 8.90
CA ALA H 27 21.12 -25.37 9.98
C ALA H 27 22.44 -24.79 9.48
N GLY H 28 22.43 -24.19 8.30
CA GLY H 28 23.64 -23.60 7.77
C GLY H 28 24.64 -24.58 7.20
N VAL H 29 24.19 -25.76 6.79
CA VAL H 29 25.06 -26.78 6.24
C VAL H 29 24.46 -27.29 4.94
N ILE H 30 25.27 -27.32 3.88
CA ILE H 30 24.85 -27.77 2.56
C ILE H 30 25.35 -29.18 2.36
N GLU H 31 24.43 -30.12 2.13
CA GLU H 31 24.83 -31.49 1.82
C GLU H 31 25.24 -31.59 0.36
N VAL H 32 26.37 -32.26 0.13
CA VAL H 32 26.91 -32.42 -1.23
C VAL H 32 27.14 -33.90 -1.49
N PRO H 33 27.23 -34.29 -2.76
CA PRO H 33 27.44 -35.71 -3.10
C PRO H 33 28.79 -36.19 -2.60
N PRO H 34 28.84 -37.34 -1.92
CA PRO H 34 30.15 -37.90 -1.54
C PRO H 34 30.86 -38.53 -2.72
N ASN H 35 32.19 -38.55 -2.63
CA ASN H 35 33.02 -39.25 -3.60
C ASN H 35 32.72 -38.81 -5.02
N LYS H 36 32.28 -37.57 -5.20
CA LYS H 36 32.04 -36.99 -6.51
C LYS H 36 32.80 -35.69 -6.65
N ASN H 37 33.37 -35.48 -7.82
CA ASN H 37 33.99 -34.22 -8.18
C ASN H 37 32.94 -33.11 -8.27
N ILE H 38 33.07 -32.09 -7.42
CA ILE H 38 32.21 -30.91 -7.49
C ILE H 38 33.08 -29.66 -7.42
N THR H 39 32.54 -28.56 -7.93
CA THR H 39 33.22 -27.28 -7.95
C THR H 39 32.60 -26.33 -6.94
N LEU H 40 33.45 -25.67 -6.16
CA LEU H 40 33.02 -24.72 -5.15
C LEU H 40 33.33 -23.30 -5.58
N TYR H 41 32.34 -22.42 -5.47
CA TYR H 41 32.54 -20.98 -5.63
C TYR H 41 32.34 -20.40 -4.23
N ILE H 42 33.42 -19.89 -3.64
CA ILE H 42 33.38 -19.37 -2.28
C ILE H 42 33.52 -17.86 -2.35
N TYR H 43 32.54 -17.16 -1.79
CA TYR H 43 32.54 -15.70 -1.77
C TYR H 43 32.82 -15.20 -0.36
N GLY H 44 33.59 -14.12 -0.29
CA GLY H 44 34.05 -13.58 0.98
C GLY H 44 35.08 -12.50 0.75
N GLU H 45 35.84 -12.22 1.80
CA GLU H 45 36.73 -11.06 1.80
C GLU H 45 38.03 -11.42 2.50
N SER H 46 39.09 -10.71 2.09
CA SER H 46 40.45 -10.95 2.59
C SER H 46 41.00 -12.27 2.03
N PHE H 47 40.64 -12.57 0.78
CA PHE H 47 41.08 -13.77 0.09
C PHE H 47 42.41 -13.58 -0.64
N GLU H 48 43.10 -12.45 -0.45
CA GLU H 48 44.23 -12.14 -1.32
C GLU H 48 45.36 -13.13 -1.10
N ASN H 49 45.74 -13.37 0.15
CA ASN H 49 46.83 -14.27 0.50
C ASN H 49 46.37 -15.72 0.69
N VAL H 50 45.18 -16.08 0.22
CA VAL H 50 44.67 -17.44 0.37
C VAL H 50 45.13 -18.25 -0.84
N THR H 51 45.84 -19.35 -0.59
CA THR H 51 46.43 -20.17 -1.64
C THR H 51 45.73 -21.50 -1.85
N TYR H 52 45.29 -22.16 -0.78
CA TYR H 52 44.70 -23.49 -0.88
C TYR H 52 43.48 -23.55 0.03
N LEU H 53 42.62 -24.53 -0.24
CA LEU H 53 41.45 -24.79 0.57
C LEU H 53 41.50 -26.23 1.06
N ALA H 54 41.11 -26.44 2.32
CA ALA H 54 40.96 -27.77 2.87
C ALA H 54 39.79 -27.75 3.84
N PHE H 55 39.45 -28.94 4.36
CA PHE H 55 38.33 -29.08 5.28
C PHE H 55 38.77 -29.82 6.54
N ALA H 56 38.24 -29.38 7.68
CA ALA H 56 38.32 -30.11 8.94
C ALA H 56 36.96 -30.74 9.23
N THR H 57 36.97 -31.83 9.99
CA THR H 57 35.76 -32.54 10.35
C THR H 57 35.22 -32.16 11.73
N SER H 58 35.88 -31.24 12.42
CA SER H 58 35.42 -30.80 13.74
C SER H 58 35.86 -29.35 13.90
N ARG H 59 34.93 -28.50 14.32
CA ARG H 59 35.24 -27.08 14.50
C ARG H 59 34.69 -26.62 15.84
N SER H 60 35.59 -26.15 16.69
CA SER H 60 35.22 -25.36 17.85
C SER H 60 35.18 -23.89 17.45
N GLU H 61 34.28 -23.14 18.06
CA GLU H 61 34.26 -21.71 17.82
C GLU H 61 35.59 -21.07 18.19
N ASP H 62 36.25 -21.59 19.24
CA ASP H 62 37.60 -21.15 19.61
C ASP H 62 38.66 -21.94 18.82
N SER H 63 38.52 -21.90 17.48
CA SER H 63 39.43 -22.57 16.57
C SER H 63 40.12 -21.52 15.72
N PHE H 64 41.45 -21.57 15.65
CA PHE H 64 42.18 -20.69 14.76
C PHE H 64 43.11 -21.48 13.85
N SER H 65 43.88 -22.40 14.41
CA SER H 65 44.83 -23.18 13.62
C SER H 65 44.16 -24.46 13.13
N CYS H 66 44.12 -24.61 11.80
CA CYS H 66 43.66 -25.83 11.15
C CYS H 66 44.81 -26.76 10.77
N GLU H 67 46.03 -26.46 11.26
CA GLU H 67 47.22 -27.19 10.81
C GLU H 67 47.09 -28.68 11.06
N ASN H 68 46.61 -29.06 12.23
CA ASN H 68 46.45 -30.45 12.63
C ASN H 68 45.05 -31.01 12.41
N HIS H 69 44.04 -30.15 12.27
CA HIS H 69 42.65 -30.59 12.16
C HIS H 69 42.24 -30.97 10.75
N ARG H 70 43.08 -30.70 9.75
CA ARG H 70 42.72 -30.99 8.38
C ARG H 70 42.35 -32.46 8.20
N ALA H 71 41.23 -32.69 7.53
CA ALA H 71 40.74 -34.03 7.26
C ALA H 71 40.75 -34.33 5.77
N THR H 72 41.21 -33.38 4.95
CA THR H 72 41.28 -33.54 3.51
C THR H 72 42.65 -33.07 3.02
N ILE H 73 43.01 -33.53 1.82
CA ILE H 73 44.13 -32.93 1.11
C ILE H 73 43.79 -31.49 0.75
N ALA H 74 44.82 -30.72 0.41
CA ALA H 74 44.62 -29.33 0.04
C ALA H 74 44.18 -29.24 -1.41
N PHE H 75 43.22 -28.35 -1.67
CA PHE H 75 42.70 -28.12 -3.02
C PHE H 75 43.16 -26.73 -3.47
N ILE H 76 43.76 -26.68 -4.66
CA ILE H 76 44.23 -25.41 -5.20
C ILE H 76 43.03 -24.52 -5.50
N VAL H 77 43.18 -23.22 -5.23
CA VAL H 77 42.10 -22.26 -5.39
C VAL H 77 42.45 -21.28 -6.50
N GLN H 78 41.49 -21.02 -7.38
CA GLN H 78 41.53 -19.93 -8.33
C GLN H 78 40.90 -18.70 -7.70
N LYS H 79 41.27 -17.53 -8.21
CA LYS H 79 40.79 -16.24 -7.70
C LYS H 79 40.16 -15.47 -8.84
N PRO H 80 39.02 -15.95 -9.36
CA PRO H 80 38.36 -15.23 -10.47
C PRO H 80 38.05 -13.79 -10.13
N THR H 81 37.89 -13.46 -8.86
CA THR H 81 37.61 -12.10 -8.43
C THR H 81 38.24 -11.90 -7.06
N VAL H 82 38.31 -10.63 -6.63
CA VAL H 82 38.87 -10.33 -5.31
C VAL H 82 37.94 -10.78 -4.19
N TYR H 83 36.68 -11.05 -4.48
CA TYR H 83 35.72 -11.47 -3.47
C TYR H 83 35.33 -12.94 -3.58
N SER H 84 35.90 -13.69 -4.53
CA SER H 84 35.47 -15.05 -4.78
C SER H 84 36.68 -15.98 -4.94
N LEU H 85 36.46 -17.25 -4.61
CA LEU H 85 37.41 -18.32 -4.84
C LEU H 85 36.70 -19.45 -5.59
N GLU H 86 37.39 -20.03 -6.57
CA GLU H 86 36.88 -21.19 -7.30
C GLU H 86 37.84 -22.36 -7.11
N THR H 87 37.29 -23.52 -6.78
CA THR H 87 38.10 -24.70 -6.51
C THR H 87 37.30 -25.96 -6.79
N SER H 88 38.02 -27.02 -7.16
CA SER H 88 37.45 -28.35 -7.35
C SER H 88 37.83 -29.26 -6.19
N VAL H 89 36.82 -29.88 -5.57
CA VAL H 89 37.03 -30.74 -4.41
C VAL H 89 36.34 -32.08 -4.61
N LEU H 90 36.82 -33.08 -3.89
CA LEU H 90 36.18 -34.39 -3.80
C LEU H 90 36.16 -34.81 -2.34
N LEU H 91 34.96 -34.97 -1.78
CA LEU H 91 34.77 -35.21 -0.36
C LEU H 91 34.23 -36.62 -0.10
N ARG H 92 34.80 -37.29 0.91
CA ARG H 92 34.44 -38.65 1.27
C ARG H 92 33.28 -38.64 2.26
N GLN H 93 32.34 -39.56 2.06
CA GLN H 93 31.30 -39.79 3.06
C GLN H 93 31.83 -39.61 4.47
N LEU H 94 31.22 -38.72 5.24
CA LEU H 94 31.58 -38.53 6.63
C LEU H 94 31.27 -39.79 7.43
N THR H 95 31.98 -39.96 8.54
CA THR H 95 31.70 -41.04 9.49
C THR H 95 30.62 -40.61 10.47
N PRO H 96 30.10 -41.54 11.27
CA PRO H 96 29.10 -41.16 12.28
C PRO H 96 29.64 -40.23 13.35
N PHE H 97 30.95 -40.21 13.57
CA PHE H 97 31.53 -39.37 14.61
C PHE H 97 31.83 -37.96 14.11
N GLU H 98 31.77 -37.74 12.80
CA GLU H 98 32.06 -36.45 12.19
C GLU H 98 30.75 -35.74 11.89
N SER H 99 30.68 -34.45 12.22
CA SER H 99 29.45 -33.69 12.04
C SER H 99 29.38 -33.05 10.65
N ALA H 100 30.44 -32.41 10.20
CA ALA H 100 30.41 -31.67 8.94
C ALA H 100 31.83 -31.39 8.47
N PHE H 101 31.94 -30.81 7.28
CA PHE H 101 33.21 -30.33 6.73
C PHE H 101 33.25 -28.81 6.89
N TYR H 102 34.24 -28.32 7.64
CA TYR H 102 34.43 -26.90 7.88
C TYR H 102 35.62 -26.40 7.07
N ILE H 103 35.45 -25.23 6.43
CA ILE H 103 36.46 -24.74 5.50
C ILE H 103 37.71 -24.31 6.27
N CYS H 104 38.87 -24.64 5.71
CA CYS H 104 40.15 -24.12 6.17
C CYS H 104 40.88 -23.53 4.98
N PHE H 105 41.67 -22.49 5.24
CA PHE H 105 42.46 -21.83 4.20
C PHE H 105 43.93 -21.89 4.57
N LYS H 106 44.78 -22.19 3.59
CA LYS H 106 46.21 -22.06 3.77
C LYS H 106 46.63 -20.68 3.28
N LEU H 107 47.37 -19.95 4.10
CA LEU H 107 47.77 -18.59 3.80
C LEU H 107 49.14 -18.60 3.11
N ALA H 108 49.33 -17.65 2.20
CA ALA H 108 50.58 -17.61 1.44
C ALA H 108 51.78 -17.23 2.29
N HIS H 109 51.61 -16.95 3.57
CA HIS H 109 52.74 -16.63 4.44
C HIS H 109 52.45 -17.16 5.84
N PRO H 110 53.27 -18.09 6.34
CA PRO H 110 53.00 -18.64 7.67
C PRO H 110 53.12 -17.59 8.77
N PHE H 111 52.61 -17.95 9.93
CA PHE H 111 52.78 -17.16 11.14
C PHE H 111 52.94 -18.13 12.30
N SER H 112 53.41 -17.61 13.43
CA SER H 112 53.69 -18.39 14.62
C SER H 112 52.68 -18.04 15.69
N HIS H 113 52.00 -19.05 16.23
CA HIS H 113 50.94 -18.84 17.19
C HIS H 113 51.37 -19.36 18.57
N ASN H 114 51.22 -20.66 18.82
CA ASN H 114 51.68 -21.23 20.11
C ASN H 114 53.16 -21.55 19.96
N ASN H 115 53.90 -20.58 19.40
CA ASN H 115 55.30 -20.79 19.05
C ASN H 115 55.42 -21.96 18.08
N GLN H 116 54.33 -22.19 17.34
CA GLN H 116 54.24 -23.16 16.27
C GLN H 116 53.90 -22.43 14.97
N THR H 117 54.60 -22.79 13.91
CA THR H 117 54.32 -22.18 12.62
C THR H 117 53.00 -22.73 12.08
N VAL H 118 52.13 -21.81 11.65
CA VAL H 118 50.80 -22.17 11.18
C VAL H 118 50.56 -21.46 9.85
N SER H 119 50.19 -22.24 8.84
CA SER H 119 49.76 -21.71 7.56
C SER H 119 48.30 -22.02 7.26
N TRP H 120 47.67 -22.89 8.06
CA TRP H 120 46.30 -23.31 7.86
C TRP H 120 45.43 -22.74 8.96
N ILE H 121 44.30 -22.14 8.56
CA ILE H 121 43.40 -21.50 9.50
C ILE H 121 41.98 -21.94 9.19
N HIS H 122 41.16 -21.99 10.24
CA HIS H 122 39.73 -22.19 10.05
C HIS H 122 39.15 -20.93 9.43
N ALA H 123 38.32 -21.09 8.41
CA ALA H 123 37.64 -19.93 7.84
C ALA H 123 36.63 -19.39 8.83
N THR H 124 36.61 -18.07 8.97
CA THR H 124 35.67 -17.44 9.89
C THR H 124 34.47 -16.92 9.11
N PRO H 125 33.24 -17.19 9.54
CA PRO H 125 32.09 -16.69 8.78
C PRO H 125 31.94 -15.18 8.92
N THR H 126 31.61 -14.53 7.81
CA THR H 126 31.41 -13.08 7.83
C THR H 126 30.23 -12.70 8.71
N TYR H 127 29.13 -13.45 8.61
CA TYR H 127 27.98 -13.24 9.47
C TYR H 127 27.64 -14.52 10.23
N PRO H 128 27.12 -14.42 11.45
CA PRO H 128 26.97 -15.63 12.27
C PRO H 128 26.07 -16.69 11.64
N ALA H 129 25.03 -16.26 10.93
CA ALA H 129 24.07 -17.19 10.33
C ALA H 129 24.47 -17.64 8.93
N ALA H 130 25.67 -17.31 8.47
CA ALA H 130 26.04 -17.61 7.10
C ALA H 130 26.08 -19.11 6.88
N ILE H 131 25.68 -19.54 5.69
CA ILE H 131 25.70 -20.95 5.30
C ILE H 131 27.07 -21.20 4.69
N VAL H 132 27.99 -21.77 5.46
CA VAL H 132 29.38 -21.89 5.06
C VAL H 132 29.96 -23.25 5.44
N THR H 133 29.10 -24.26 5.59
CA THR H 133 29.51 -25.60 6.01
C THR H 133 28.94 -26.65 5.07
N LEU H 134 29.73 -27.71 4.86
CA LEU H 134 29.37 -28.81 3.99
C LEU H 134 29.31 -30.11 4.77
N ARG H 135 28.60 -31.08 4.22
CA ARG H 135 28.60 -32.44 4.76
C ARG H 135 28.26 -33.41 3.64
N THR H 136 28.61 -34.69 3.88
CA THR H 136 28.27 -35.78 2.99
C THR H 136 27.50 -36.84 3.78
N ALA H 137 26.85 -37.74 3.05
CA ALA H 137 26.11 -38.83 3.70
C ALA H 137 27.05 -39.65 4.57
N SER H 138 26.55 -40.05 5.75
CA SER H 138 27.33 -40.83 6.68
C SER H 138 27.17 -42.33 6.41
C1 NAG I . 2.02 21.81 23.14
C2 NAG I . 2.28 22.12 24.59
C3 NAG I . 1.01 22.63 25.24
C4 NAG I . 0.43 23.79 24.45
C5 NAG I . 0.38 23.51 22.95
C6 NAG I . 0.13 24.76 22.13
C7 NAG I . 3.83 21.01 26.14
C8 NAG I . 4.25 19.71 26.76
N2 NAG I . 2.80 20.96 25.29
O3 NAG I . 1.29 23.03 26.58
O4 NAG I . -0.90 24.07 24.91
O5 NAG I . 1.62 22.98 22.48
O6 NAG I . 1.14 25.72 22.39
O7 NAG I . 4.41 22.07 26.38
H3 NAG I . 0.35 21.90 25.26
H4 NAG I . 1.00 24.57 24.60
H5 NAG I . -0.32 22.84 22.79
H61 NAG I . -0.74 25.14 22.38
H62 NAG I . 0.12 24.52 21.19
H81 NAG I . 5.01 19.86 27.34
H82 NAG I . 4.49 19.08 26.05
H83 NAG I . 3.51 19.36 27.28
HN2 NAG I . 2.40 20.15 25.14
HO3 NAG I . 0.55 23.33 26.96
HO4 NAG I . -1.19 24.82 24.54
C1 FUC I . 1.87 26.01 21.18
C2 FUC I . 1.93 27.54 21.08
C3 FUC I . 2.74 28.09 22.25
C4 FUC I . 4.16 27.52 22.20
C5 FUC I . 4.10 25.97 22.21
C6 FUC I . 5.46 25.33 21.95
O2 FUC I . 0.64 28.12 21.04
O3 FUC I . 2.84 29.51 22.16
O4 FUC I . 4.82 27.97 21.02
O5 FUC I . 3.19 25.45 21.20
H5 FUC I . 3.72 25.67 23.20
H61 FUC I . 5.37 24.24 21.97
H62 FUC I . 6.17 25.64 22.73
H63 FUC I . 5.84 25.64 20.98
C1 NAG J . 1.69 28.77 -6.00
C2 NAG J . 2.76 28.21 -6.95
C3 NAG J . 2.72 28.97 -8.27
C4 NAG J . 1.31 28.95 -8.87
C5 NAG J . 0.25 29.34 -7.84
C6 NAG J . -1.16 29.07 -8.33
C7 NAG J . 5.00 27.31 -6.51
C8 NAG J . 6.31 27.53 -5.84
N2 NAG J . 4.09 28.27 -6.36
O3 NAG J . 3.63 28.38 -9.18
O4 NAG J . 1.25 29.93 -9.92
O5 NAG J . 0.40 28.60 -6.61
O6 NAG J . -1.17 28.17 -9.44
O7 NAG J . 4.75 26.29 -7.16
H3 NAG J . 2.97 29.90 -8.10
H4 NAG J . 1.13 28.05 -9.20
H5 NAG J . 0.36 30.29 -7.64
H61 NAG J . -1.57 29.91 -8.60
H62 NAG J . -1.68 28.68 -7.60
H81 NAG J . 7.00 27.01 -6.30
H82 NAG J . 6.27 27.25 -4.91
H83 NAG J . 6.55 28.47 -5.88
HN2 NAG J . 4.31 29.01 -5.87
HO3 NAG J . 3.46 28.65 -10.01
HO6 NAG J . -1.98 28.17 -9.81
C1 NAG J . 1.09 29.38 -11.27
C2 NAG J . 0.36 30.42 -12.13
C3 NAG J . 0.23 29.91 -13.56
C4 NAG J . 1.61 29.59 -14.11
C5 NAG J . 2.31 28.59 -13.21
C6 NAG J . 3.74 28.32 -13.63
C7 NAG J . -1.19 31.74 -10.75
C8 NAG J . -2.61 31.92 -10.29
N2 NAG J . -0.96 30.72 -11.59
O3 NAG J . -0.39 30.91 -14.36
O4 NAG J . 1.49 29.04 -15.42
O5 NAG J . 2.39 29.10 -11.86
O6 NAG J . 4.66 29.14 -12.93
O7 NAG J . -0.28 32.47 -10.36
H3 NAG J . -0.31 29.11 -13.57
H4 NAG J . 2.15 30.40 -14.16
H5 NAG J . 1.81 27.75 -13.20
H61 NAG J . 3.83 28.48 -14.58
H62 NAG J . 3.95 27.38 -13.44
H81 NAG J . -2.64 32.58 -9.59
H82 NAG J . -2.95 31.06 -9.96
H83 NAG J . -3.15 32.21 -11.05
HN2 NAG J . -1.67 30.19 -11.82
HO3 NAG J . -0.62 30.56 -15.14
HO4 NAG J . 2.14 29.36 -15.94
HO6 NAG J . 4.21 29.79 -12.51
C1 NAG K . -25.09 15.88 -2.38
C2 NAG K . -25.97 16.71 -1.43
C3 NAG K . -27.03 17.45 -2.23
C4 NAG K . -26.40 18.28 -3.36
C5 NAG K . -25.41 17.45 -4.17
C6 NAG K . -24.59 18.28 -5.14
C7 NAG K . -26.65 16.27 0.88
C8 NAG K . -27.31 15.31 1.82
N2 NAG K . -26.59 15.90 -0.40
O3 NAG K . -27.76 18.32 -1.36
O4 NAG K . -27.43 18.71 -4.25
O5 NAG K . -24.47 16.75 -3.33
O6 NAG K . -24.36 19.59 -4.64
O7 NAG K . -26.17 17.33 1.27
H3 NAG K . -27.64 16.81 -2.63
H4 NAG K . -25.93 19.04 -2.95
H5 NAG K . -25.92 16.77 -4.66
H61 NAG K . -25.07 18.35 -5.98
H62 NAG K . -23.73 17.83 -5.29
H81 NAG K . -27.58 15.77 2.63
H82 NAG K . -26.70 14.59 2.04
H83 NAG K . -28.10 14.93 1.38
HN2 NAG K . -26.95 15.09 -0.64
HO3 NAG K . -28.45 18.66 -1.78
HO6 NAG K . -23.86 20.04 -5.22
C1 NAG K . -27.98 20.05 -4.05
C2 NAG K . -28.46 20.51 -5.45
C3 NAG K . -29.16 21.86 -5.35
C4 NAG K . -30.28 21.82 -4.32
C5 NAG K . -29.73 21.34 -2.99
C6 NAG K . -30.78 21.19 -1.92
C7 NAG K . -27.05 19.70 -7.30
C8 NAG K . -25.84 19.96 -8.14
N2 NAG K . -27.31 20.60 -6.35
O3 NAG K . -29.70 22.18 -6.64
O4 NAG K . -30.84 23.13 -4.17
O5 NAG K . -29.12 20.05 -3.16
O6 NAG K . -31.73 20.19 -2.26
O7 NAG K . -27.75 18.70 -7.45
H3 NAG K . -28.51 22.54 -5.08
H4 NAG K . -30.98 21.21 -4.61
H5 NAG K . -29.04 21.97 -2.68
H61 NAG K . -31.25 22.04 -1.82
H62 NAG K . -30.36 20.96 -1.07
H81 NAG K . -25.70 19.21 -8.75
H82 NAG K . -25.06 20.07 -7.56
H83 NAG K . -25.98 20.78 -8.65
HN2 NAG K . -26.75 21.32 -6.27
HO3 NAG K . -30.21 22.91 -6.58
HO6 NAG K . -31.36 19.60 -2.82
C1 BMA K . -32.16 23.18 -4.74
C2 BMA K . -32.86 24.43 -4.17
C3 BMA K . -34.23 24.63 -4.84
C4 BMA K . -34.12 24.58 -6.36
C5 BMA K . -33.42 23.27 -6.80
C6 BMA K . -33.23 23.17 -8.32
O2 BMA K . -32.10 25.61 -4.44
O3 BMA K . -34.84 25.85 -4.43
O4 BMA K . -35.40 24.63 -6.93
O5 BMA K . -32.12 23.23 -6.18
O6 BMA K . -32.64 21.91 -8.61
H4 BMA K . -33.48 25.42 -6.70
H5 BMA K . -34.02 22.41 -6.47
H61 BMA K . -32.59 24.01 -8.65
H62 BMA K . -34.22 23.28 -8.79
HO4 BMA K . -35.87 25.34 -6.45
HO6 BMA K . -32.11 21.65 -7.84
C1 NAG L . -0.51 10.18 -25.07
C2 NAG L . -1.23 11.06 -24.02
C3 NAG L . -1.15 12.53 -24.45
C4 NAG L . 0.30 12.94 -24.65
C5 NAG L . 1.01 11.98 -25.61
C6 NAG L . 2.49 12.24 -25.70
C7 NAG L . -3.13 10.43 -22.60
C8 NAG L . -4.57 10.05 -22.57
N2 NAG L . -2.61 10.66 -23.81
O3 NAG L . -1.77 13.34 -23.46
O4 NAG L . 0.33 14.25 -25.23
O5 NAG L . 0.86 10.61 -25.18
O6 NAG L . 3.19 11.73 -24.57
O7 NAG L . -2.45 10.51 -21.58
H3 NAG L . -1.64 12.64 -25.29
H4 NAG L . 0.76 12.93 -23.79
H5 NAG L . 0.60 12.07 -26.50
H61 NAG L . 2.65 13.21 -25.74
H62 NAG L . 2.85 11.82 -26.51
H81 NAG L . -4.93 10.15 -21.67
H82 NAG L . -4.67 9.10 -22.84
H83 NAG L . -5.07 10.61 -23.19
HN2 NAG L . -3.15 10.57 -24.54
HO3 NAG L . -1.18 13.94 -23.16
HO6 NAG L . 2.62 11.58 -23.91
C1 NAG L . 0.83 15.26 -24.32
C2 NAG L . 1.29 16.45 -25.17
C3 NAG L . 1.78 17.58 -24.28
C4 NAG L . 0.73 17.94 -23.23
C5 NAG L . 0.30 16.70 -22.46
C6 NAG L . -0.82 16.97 -21.49
C7 NAG L . 2.06 15.81 -27.41
C8 NAG L . 3.23 15.41 -28.24
N2 NAG L . 2.31 16.05 -26.12
O3 NAG L . 2.07 18.72 -25.08
O4 NAG L . 1.28 18.89 -22.32
O5 NAG L . -0.17 15.70 -23.37
O6 NAG L . -2.03 17.29 -22.16
O7 NAG L . 0.92 15.91 -27.88
H3 NAG L . 2.60 17.29 -23.82
H4 NAG L . -0.03 18.33 -23.68
H5 NAG L . 1.07 16.35 -21.97
H61 NAG L . -0.57 17.72 -20.91
H62 NAG L . -0.96 16.18 -20.94
H81 NAG L . 2.93 15.22 -29.16
H82 NAG L . 3.64 14.61 -27.87
H83 NAG L . 3.88 16.13 -28.26
HN2 NAG L . 3.16 15.96 -25.82
HO3 NAG L . 2.35 19.38 -24.57
HO4 NAG L . 0.62 19.33 -21.93
HO6 NAG L . -2.02 16.92 -22.97
C1 NAG M . -53.63 -21.60 5.72
C2 NAG M . -55.10 -21.39 5.36
C3 NAG M . -55.23 -21.28 3.85
C4 NAG M . -54.28 -20.24 3.29
C5 NAG M . -52.87 -20.37 3.86
C6 NAG M . -51.98 -19.18 3.54
C7 NAG M . -57.22 -22.28 6.21
C8 NAG M . -57.94 -23.47 6.76
N2 NAG M . -55.94 -22.46 5.89
O3 NAG M . -56.58 -20.94 3.53
O4 NAG M . -54.17 -20.42 1.88
O5 NAG M . -52.89 -20.49 5.29
O6 NAG M . -52.56 -17.97 4.00
O7 NAG M . -57.78 -21.19 6.06
H3 NAG M . -55.02 -22.15 3.45
H4 NAG M . -54.64 -19.36 3.52
H5 NAG M . -52.47 -21.19 3.50
H61 NAG M . -51.86 -19.13 2.57
H62 NAG M . -51.12 -19.31 3.97
H81 NAG M . -58.88 -23.24 6.91
H82 NAG M . -57.52 -23.73 7.61
H83 NAG M . -57.88 -24.21 6.13
HN2 NAG M . -55.58 -23.29 6.01
HO3 NAG M . -56.90 -20.40 4.15
HO6 NAG M . -52.09 -17.28 3.69
C1 NAG M . -54.78 -19.39 1.12
C2 NAG M . -54.11 -19.41 -0.25
C3 NAG M . -54.75 -18.41 -1.19
C4 NAG M . -56.25 -18.64 -1.26
C5 NAG M . -56.85 -18.63 0.15
C6 NAG M . -58.32 -18.97 0.18
C7 NAG M . -51.76 -20.12 0.01
C8 NAG M . -50.34 -19.68 0.12
N2 NAG M . -52.68 -19.16 -0.13
O3 NAG M . -54.18 -18.54 -2.49
O4 NAG M . -56.88 -17.63 -2.04
O5 NAG M . -56.18 -19.60 0.96
O6 NAG M . -58.52 -20.36 0.01
O7 NAG M . -52.08 -21.31 0.05
H3 NAG M . -54.59 -17.50 -0.86
H4 NAG M . -56.43 -19.51 -1.67
H5 NAG M . -56.72 -17.74 0.54
H61 NAG M . -58.77 -18.49 -0.54
H62 NAG M . -58.70 -18.69 1.04
H81 NAG M . -49.76 -20.46 0.24
H82 NAG M . -50.24 -19.09 0.89
H83 NAG M . -50.08 -19.21 -0.69
HN2 NAG M . -52.38 -18.28 -0.16
HO3 NAG M . -54.64 -18.03 -3.06
HO4 NAG M . -57.58 -17.99 -2.47
HO6 NAG M . -57.90 -20.81 0.47
C1 NAG N . 38.39 -32.14 -10.78
C2 NAG N . 39.67 -32.55 -10.10
C3 NAG N . 40.83 -31.82 -10.71
C4 NAG N . 40.85 -32.02 -12.22
C5 NAG N . 39.47 -31.84 -12.87
C6 NAG N . 39.41 -32.42 -14.26
C7 NAG N . 39.66 -33.29 -7.75
C8 NAG N . 39.59 -32.85 -6.32
N2 NAG N . 39.61 -32.30 -8.66
O3 NAG N . 42.05 -32.32 -10.15
O4 NAG N . 41.72 -31.06 -12.80
O5 NAG N . 38.45 -32.52 -12.12
O6 NAG N . 39.82 -33.79 -14.22
O7 NAG N . 39.77 -34.46 -8.07
H3 NAG N . 40.76 -30.86 -10.53
H4 NAG N . 41.13 -32.94 -12.39
H5 NAG N . 39.26 -30.88 -12.88
H61 NAG N . 40.02 -31.92 -14.85
H62 NAG N . 38.50 -32.37 -14.61
H81 NAG N . 39.66 -33.64 -5.74
H82 NAG N . 38.73 -32.40 -6.16
H83 NAG N . 40.32 -32.24 -6.12
HN2 NAG N . 39.52 -31.44 -8.37
HO3 NAG N . 42.74 -32.00 -10.61
C1 NAG N . 42.85 -31.80 -13.28
C2 NAG N . 43.38 -31.07 -14.48
C3 NAG N . 44.61 -31.77 -15.04
C4 NAG N . 45.59 -32.20 -13.95
C5 NAG N . 44.90 -32.70 -12.68
C6 NAG N . 45.81 -32.82 -11.49
C7 NAG N . 42.01 -29.84 -16.12
C8 NAG N . 40.92 -29.93 -17.14
N2 NAG N . 42.35 -30.98 -15.51
O3 NAG N . 45.24 -30.81 -15.89
O4 NAG N . 46.33 -33.35 -14.36
O5 NAG N . 43.83 -31.84 -12.30
O6 NAG N . 45.44 -31.92 -10.46
O7 NAG N . 42.57 -28.77 -15.86
H3 NAG N . 44.35 -32.58 -15.51
H4 NAG N . 46.14 -31.41 -13.78
H5 NAG N . 44.52 -33.58 -12.89
H61 NAG N . 46.73 -32.62 -11.78
H62 NAG N . 45.78 -33.74 -11.15
H81 NAG N . 40.76 -29.05 -17.53
H82 NAG N . 40.10 -30.24 -16.71
H83 NAG N . 41.17 -30.56 -17.83
HN2 NAG N . 41.90 -31.73 -15.74
HO3 NAG N . 44.91 -30.00 -15.73
HO6 NAG N . 45.16 -31.16 -10.82
C1 BMA N . 47.35 -33.39 -15.44
C2 BMA N . 46.88 -32.62 -16.71
C3 BMA N . 47.82 -32.96 -17.82
C4 BMA N . 49.30 -32.66 -17.40
C5 BMA N . 49.64 -33.23 -15.98
C6 BMA N . 51.02 -32.79 -15.47
O2 BMA N . 47.01 -31.22 -16.51
O3 BMA N . 47.46 -32.22 -18.99
O4 BMA N . 50.19 -33.23 -18.35
O5 BMA N . 48.63 -32.83 -15.04
O6 BMA N . 51.04 -32.87 -14.04
H4 BMA N . 49.38 -31.56 -17.32
H5 BMA N . 49.65 -34.34 -16.03
H61 BMA N . 51.20 -31.77 -15.82
H62 BMA N . 51.79 -33.45 -15.92
HO4 BMA N . 51.06 -32.88 -18.13
HO6 BMA N . 50.16 -32.64 -13.73
C1 MAN N . 46.30 -32.75 -19.71
C2 MAN N . 45.32 -31.55 -19.95
C3 MAN N . 44.15 -31.58 -19.00
C4 MAN N . 43.46 -32.90 -19.12
C5 MAN N . 44.36 -33.90 -18.44
C6 MAN N . 43.74 -35.29 -18.51
O2 MAN N . 44.73 -31.59 -21.27
O3 MAN N . 43.20 -30.55 -19.22
O4 MAN N . 42.19 -32.86 -18.46
O5 MAN N . 45.69 -33.96 -19.09
O6 MAN N . 44.66 -36.21 -17.96
H4 MAN N . 43.31 -33.17 -20.18
H5 MAN N . 44.52 -33.60 -17.41
H61 MAN N . 43.50 -35.53 -19.55
H62 MAN N . 42.79 -35.28 -17.94
HO4 MAN N . 41.61 -33.41 -19.00
HO6 MAN N . 45.54 -35.96 -18.28
C1 FUC N . 40.10 -34.31 -15.54
C2 FUC N . 41.04 -35.50 -15.31
C3 FUC N . 40.36 -36.51 -14.39
C4 FUC N . 39.06 -36.99 -15.06
C5 FUC N . 38.18 -35.77 -15.39
C6 FUC N . 36.96 -36.12 -16.23
O2 FUC N . 42.30 -35.09 -14.76
O3 FUC N . 41.19 -37.64 -14.19
O4 FUC N . 39.37 -37.70 -16.24
O5 FUC N . 38.91 -34.76 -16.14
H5 FUC N . 37.86 -35.33 -14.44
H61 FUC N . 36.37 -35.22 -16.43
H62 FUC N . 36.34 -36.84 -15.71
H63 FUC N . 37.27 -36.54 -17.19
C1 NAG O . -2.64 -18.58 -25.64
C2 NAG O . -2.40 -19.99 -26.13
C3 NAG O . -1.00 -20.11 -26.72
C4 NAG O . -0.76 -19.03 -27.76
C5 NAG O . -1.16 -17.65 -27.22
C6 NAG O . -1.15 -16.57 -28.29
C7 NAG O . -3.73 -21.65 -24.89
C8 NAG O . -3.76 -22.59 -23.72
N2 NAG O . -2.60 -20.96 -25.05
O3 NAG O . -0.85 -21.40 -27.32
O4 NAG O . 0.63 -18.99 -28.11
O5 NAG O . -2.49 -17.68 -26.70
O6 NAG O . -2.13 -16.82 -29.28
O7 NAG O . -4.69 -21.52 -25.64
H3 NAG O . -0.34 -20.02 -26.01
H4 NAG O . -1.31 -19.23 -28.55
H5 NAG O . -0.55 -17.41 -26.50
H61 NAG O . -0.26 -16.55 -28.71
H62 NAG O . -1.32 -15.71 -27.87
H81 NAG O . -4.63 -23.05 -23.69
H82 NAG O . -3.63 -22.09 -22.89
H83 NAG O . -3.05 -23.25 -23.81
HN2 NAG O . -1.91 -21.10 -24.47
HO3 NAG O . 0.00 -21.52 -27.55
HO4 NAG O . 0.87 -19.79 -28.38
HO6 NAG O . -1.73 -17.02 -30.05
C1 NAG P . 35.25 11.54 -1.45
C2 NAG P . 35.89 10.28 -2.09
C3 NAG P . 36.82 10.69 -3.23
C4 NAG P . 36.05 11.52 -4.26
C5 NAG P . 35.38 12.72 -3.59
C6 NAG P . 34.48 13.48 -4.54
C7 NAG P . 36.39 8.15 -1.00
C8 NAG P . 37.21 7.45 0.05
N2 NAG P . 36.59 9.47 -1.11
O3 NAG P . 37.36 9.53 -3.84
O4 NAG P . 36.95 11.98 -5.26
O5 NAG P . 34.56 12.29 -2.49
O6 NAG P . 33.49 12.62 -5.10
O7 NAG P . 35.60 7.55 -1.72
H3 NAG P . 37.55 11.23 -2.86
H4 NAG P . 35.37 10.96 -4.66
H5 NAG P . 36.08 13.31 -3.24
H61 NAG P . 35.02 13.86 -5.25
H62 NAG P . 34.04 14.20 -4.05
H81 NAG P . 36.95 6.51 0.08
H82 NAG P . 37.02 7.86 0.92
H83 NAG P . 38.15 7.53 -0.16
HN2 NAG P . 37.19 9.87 -0.55
HO3 NAG P . 37.81 9.76 -4.57
HO4 NAG P . 36.48 12.22 -5.98
HO6 NAG P . 33.26 12.00 -4.51
C1 NAG Q . 30.46 38.98 -6.39
C2 NAG Q . 29.71 39.82 -5.35
C3 NAG Q . 29.24 41.12 -6.00
C4 NAG Q . 30.42 41.86 -6.60
C5 NAG Q . 31.26 40.96 -7.52
C6 NAG Q . 32.57 41.60 -7.92
C7 NAG Q . 28.30 39.22 -3.44
C8 NAG Q . 27.12 38.43 -2.97
N2 NAG Q . 28.61 39.11 -4.75
O3 NAG Q . 28.60 41.93 -5.02
O4 NAG Q . 29.95 42.97 -7.36
O5 NAG Q . 31.60 39.72 -6.87
O6 NAG Q . 33.23 42.17 -6.79
O7 NAG Q . 28.95 39.95 -2.69
H3 NAG Q . 28.60 40.91 -6.70
H4 NAG Q . 31.00 42.17 -5.87
H5 NAG Q . 30.73 40.75 -8.30
H61 NAG Q . 32.39 42.31 -8.57
H62 NAG Q . 33.14 40.93 -8.33
H81 NAG Q . 26.92 38.67 -2.05
H82 NAG Q . 27.34 37.47 -3.02
H83 NAG Q . 26.36 38.61 -3.54
HN2 NAG Q . 28.09 38.56 -5.26
HO3 NAG Q . 28.18 42.61 -5.42
HO4 NAG Q . 30.61 43.56 -7.49
HO6 NAG Q . 33.77 42.83 -7.06
C1 NAG R . -35.15 2.72 -9.11
C2 NAG R . -36.00 2.41 -7.90
C3 NAG R . -37.26 3.25 -7.93
C4 NAG R . -36.88 4.72 -8.00
C5 NAG R . -35.88 5.00 -9.13
C6 NAG R . -35.32 6.41 -9.07
C7 NAG R . -35.59 0.14 -7.08
C8 NAG R . -36.01 -1.31 -7.14
N2 NAG R . -36.31 0.99 -7.82
O3 NAG R . -38.03 2.98 -6.76
O4 NAG R . -38.05 5.51 -8.19
O5 NAG R . -34.76 4.10 -9.08
O6 NAG R . -34.03 6.47 -9.67
O7 NAG R . -34.61 0.50 -6.44
H3 NAG R . -37.80 3.02 -8.71
H4 NAG R . -36.45 4.96 -7.15
H5 NAG R . -36.35 4.86 -9.98
H61 NAG R . -35.25 6.68 -8.14
H62 NAG R . -35.92 7.01 -9.54
H81 NAG R . -35.36 -1.85 -6.64
H82 NAG R . -36.04 -1.61 -8.06
H83 NAG R . -36.89 -1.40 -6.73
HN2 NAG R . -37.03 0.66 -8.29
HO3 NAG R . -38.79 3.44 -6.81
HO4 NAG R . -37.87 6.37 -8.01
HO6 NAG R . -33.67 5.67 -9.70
C1 NAG S . -39.46 3.03 34.91
C2 NAG S . -39.42 3.02 36.45
C3 NAG S . -40.85 2.92 36.99
C4 NAG S . -41.70 4.07 36.44
C5 NAG S . -41.64 4.13 34.92
C6 NAG S . -42.27 5.39 34.37
C7 NAG S . -37.98 2.03 38.16
C8 NAG S . -37.21 0.82 38.59
N2 NAG S . -38.62 1.93 36.99
O3 NAG S . -40.85 2.94 38.41
O4 NAG S . -43.06 3.87 36.84
O5 NAG S . -40.28 4.13 34.46
O6 NAG S . -41.60 6.55 34.84
O7 NAG S . -38.01 3.05 38.84
H3 NAG S . -41.23 2.08 36.69
H4 NAG S . -41.36 4.90 36.81
H5 NAG S . -42.08 3.34 34.56
H61 NAG S . -43.21 5.42 34.65
H62 NAG S . -42.23 5.37 33.40
H81 NAG S . -36.87 0.95 39.50
H82 NAG S . -36.46 0.67 37.99
H83 NAG S . -37.80 0.03 38.59
HN2 NAG S . -38.55 1.16 36.51
HO3 NAG S . -41.67 2.78 38.71
HO4 NAG S . -43.51 4.63 36.72
HO6 NAG S . -40.79 6.33 35.15
#